data_2MZ4
#
_entry.id   2MZ4
#
_entity_poly.entity_id   1
_entity_poly.type   'polypeptide(L)'
_entity_poly.pdbx_seq_one_letter_code
;ADNKCENSLRREIACGQCRDKVKTDGYFYECCTSDSTFKKCQDLLH
;
_entity_poly.pdbx_strand_id   A
#
# COMPACT_ATOMS: atom_id res chain seq x y z
N ALA A 1 -6.73 -9.68 -9.53
CA ALA A 1 -6.81 -9.39 -8.08
C ALA A 1 -7.93 -8.37 -7.83
N ASP A 2 -8.31 -8.21 -6.57
CA ASP A 2 -9.36 -7.26 -6.22
C ASP A 2 -8.81 -5.85 -6.11
N ASN A 3 -8.59 -5.22 -7.26
CA ASN A 3 -8.06 -3.86 -7.28
C ASN A 3 -6.68 -3.80 -6.65
N LYS A 4 -5.68 -3.45 -7.44
CA LYS A 4 -4.31 -3.37 -6.94
C LYS A 4 -3.67 -2.04 -7.36
N CYS A 5 -2.35 -2.04 -7.47
CA CYS A 5 -1.62 -0.84 -7.88
C CYS A 5 -1.88 -0.53 -9.35
N GLU A 6 -2.94 -1.09 -9.90
CA GLU A 6 -3.29 -0.87 -11.30
C GLU A 6 -4.25 0.31 -11.43
N ASN A 7 -4.87 0.69 -10.32
CA ASN A 7 -5.81 1.80 -10.32
C ASN A 7 -5.07 3.13 -10.24
N SER A 8 -5.43 3.95 -9.26
CA SER A 8 -4.78 5.25 -9.10
C SER A 8 -3.57 5.13 -8.19
N LEU A 9 -2.46 5.74 -8.60
CA LEU A 9 -1.24 5.70 -7.83
C LEU A 9 -1.46 6.24 -6.42
N ARG A 10 -2.66 6.77 -6.18
CA ARG A 10 -2.98 7.32 -4.87
C ARG A 10 -2.79 6.27 -3.78
N ARG A 11 -3.13 5.03 -4.11
CA ARG A 11 -2.99 3.94 -3.15
C ARG A 11 -1.60 3.32 -3.22
N GLU A 12 -0.98 3.40 -4.39
CA GLU A 12 0.35 2.85 -4.59
C GLU A 12 1.37 3.63 -3.79
N ILE A 13 1.18 4.94 -3.70
CA ILE A 13 2.11 5.78 -2.96
C ILE A 13 2.08 5.41 -1.50
N ALA A 14 0.88 5.24 -0.96
CA ALA A 14 0.71 4.88 0.43
C ALA A 14 1.49 3.62 0.74
N CYS A 15 1.00 2.51 0.21
CA CYS A 15 1.64 1.22 0.42
C CYS A 15 3.14 1.35 0.30
N GLY A 16 3.57 2.13 -0.68
CA GLY A 16 4.98 2.34 -0.89
C GLY A 16 5.64 2.87 0.39
N GLN A 17 5.56 4.18 0.59
CA GLN A 17 6.15 4.81 1.77
C GLN A 17 5.85 3.98 3.01
N CYS A 18 4.64 3.43 3.06
CA CYS A 18 4.23 2.63 4.19
C CYS A 18 5.20 1.47 4.43
N ARG A 19 5.03 0.38 3.70
CA ARG A 19 5.89 -0.79 3.87
C ARG A 19 7.34 -0.47 3.53
N ASP A 20 7.61 0.79 3.25
CA ASP A 20 8.95 1.22 2.91
C ASP A 20 9.59 1.98 4.08
N LYS A 21 8.78 2.34 5.07
CA LYS A 21 9.29 3.07 6.23
C LYS A 21 9.22 2.18 7.47
N VAL A 22 8.36 1.18 7.44
CA VAL A 22 8.20 0.26 8.55
C VAL A 22 8.74 -1.11 8.19
N LYS A 23 8.46 -1.56 6.98
CA LYS A 23 8.93 -2.87 6.51
C LYS A 23 9.97 -2.71 5.42
N THR A 24 9.73 -3.34 4.27
CA THR A 24 10.66 -3.26 3.16
C THR A 24 9.92 -3.27 1.84
N ASP A 25 10.66 -3.20 0.74
CA ASP A 25 10.06 -3.21 -0.58
C ASP A 25 9.54 -4.61 -0.93
N GLY A 26 9.50 -5.49 0.06
CA GLY A 26 9.02 -6.85 -0.14
C GLY A 26 7.66 -7.05 0.50
N TYR A 27 7.22 -6.05 1.26
CA TYR A 27 5.92 -6.13 1.92
C TYR A 27 4.89 -5.27 1.20
N PHE A 28 5.37 -4.28 0.46
CA PHE A 28 4.47 -3.40 -0.29
C PHE A 28 3.45 -4.21 -1.08
N TYR A 29 3.73 -5.50 -1.24
CA TYR A 29 2.82 -6.36 -1.97
C TYR A 29 1.56 -6.64 -1.16
N GLU A 30 1.70 -6.59 0.16
CA GLU A 30 0.56 -6.83 1.04
C GLU A 30 -0.58 -5.90 0.71
N CYS A 31 -0.31 -4.59 0.69
CA CYS A 31 -1.36 -3.64 0.40
C CYS A 31 -1.72 -3.68 -1.08
N CYS A 32 -0.72 -3.55 -1.93
CA CYS A 32 -0.96 -3.56 -3.36
C CYS A 32 -1.93 -4.67 -3.74
N THR A 33 -1.99 -5.72 -2.92
CA THR A 33 -2.88 -6.85 -3.18
C THR A 33 -4.16 -6.72 -2.36
N SER A 34 -4.00 -6.43 -1.07
CA SER A 34 -5.16 -6.29 -0.19
C SER A 34 -5.50 -4.82 0.01
N ASP A 35 -6.79 -4.50 -0.03
CA ASP A 35 -7.23 -3.12 0.15
C ASP A 35 -7.38 -2.80 1.63
N SER A 36 -7.94 -3.75 2.39
CA SER A 36 -8.13 -3.55 3.82
C SER A 36 -6.87 -3.01 4.47
N THR A 37 -5.72 -3.53 4.04
CA THR A 37 -4.44 -3.09 4.59
C THR A 37 -4.12 -1.66 4.15
N PHE A 38 -4.26 -1.41 2.86
CA PHE A 38 -3.97 -0.08 2.32
C PHE A 38 -4.65 1.00 3.17
N LYS A 39 -5.85 0.71 3.64
CA LYS A 39 -6.58 1.65 4.47
C LYS A 39 -5.86 1.90 5.79
N LYS A 40 -5.05 0.93 6.20
CA LYS A 40 -4.29 1.05 7.44
C LYS A 40 -2.97 1.76 7.20
N CYS A 41 -2.47 1.64 5.96
CA CYS A 41 -1.21 2.28 5.61
C CYS A 41 -1.41 3.76 5.32
N GLN A 42 -2.39 4.07 4.47
CA GLN A 42 -2.69 5.44 4.12
C GLN A 42 -2.98 6.26 5.37
N ASP A 43 -3.57 5.62 6.37
CA ASP A 43 -3.90 6.30 7.62
C ASP A 43 -2.64 6.86 8.25
N LEU A 44 -1.53 6.17 8.07
CA LEU A 44 -0.26 6.61 8.63
C LEU A 44 0.39 7.65 7.73
N LEU A 45 0.49 7.33 6.44
CA LEU A 45 1.10 8.25 5.49
C LEU A 45 0.38 9.59 5.51
N HIS A 46 -0.93 9.56 5.45
CA HIS A 46 -1.71 10.79 5.46
C HIS A 46 -1.08 11.82 4.54
N ALA A 1 -10.87 -9.97 -9.61
CA ALA A 1 -10.81 -8.49 -9.82
C ALA A 1 -9.39 -8.00 -9.52
N ASP A 2 -8.78 -7.36 -10.52
CA ASP A 2 -7.42 -6.85 -10.36
C ASP A 2 -7.43 -5.33 -10.19
N ASN A 3 -7.47 -4.89 -8.94
CA ASN A 3 -7.48 -3.46 -8.65
C ASN A 3 -6.69 -3.16 -7.38
N LYS A 4 -5.47 -2.66 -7.56
CA LYS A 4 -4.62 -2.34 -6.41
C LYS A 4 -3.62 -1.24 -6.78
N CYS A 5 -2.37 -1.63 -6.93
CA CYS A 5 -1.33 -0.67 -7.29
C CYS A 5 -1.54 -0.15 -8.71
N GLU A 6 -2.49 -0.75 -9.42
CA GLU A 6 -2.78 -0.34 -10.78
C GLU A 6 -4.02 0.55 -10.82
N ASN A 7 -4.53 0.89 -9.65
CA ASN A 7 -5.71 1.74 -9.55
C ASN A 7 -5.33 3.21 -9.69
N SER A 8 -4.54 3.71 -8.74
CA SER A 8 -4.11 5.10 -8.77
C SER A 8 -2.75 5.26 -8.08
N LEU A 9 -2.04 6.31 -8.45
CA LEU A 9 -0.72 6.56 -7.86
C LEU A 9 -0.84 6.77 -6.35
N ARG A 10 -1.93 7.39 -5.94
CA ARG A 10 -2.16 7.65 -4.51
C ARG A 10 -2.06 6.35 -3.72
N ARG A 11 -2.74 5.32 -4.21
CA ARG A 11 -2.72 4.02 -3.53
C ARG A 11 -1.31 3.42 -3.55
N GLU A 12 -0.63 3.57 -4.68
CA GLU A 12 0.72 3.04 -4.81
C GLU A 12 1.66 3.72 -3.81
N ILE A 13 1.47 5.02 -3.62
CA ILE A 13 2.31 5.77 -2.69
C ILE A 13 1.94 5.44 -1.25
N ALA A 14 0.63 5.41 -0.97
CA ALA A 14 0.15 5.09 0.36
C ALA A 14 0.80 3.82 0.89
N CYS A 15 0.37 2.68 0.35
CA CYS A 15 0.92 1.39 0.77
C CYS A 15 2.43 1.38 0.63
N GLY A 16 2.93 2.04 -0.41
CA GLY A 16 4.36 2.10 -0.64
C GLY A 16 5.11 2.50 0.62
N GLN A 17 5.23 3.81 0.85
CA GLN A 17 5.92 4.31 2.03
C GLN A 17 5.56 3.47 3.26
N CYS A 18 4.29 3.08 3.35
CA CYS A 18 3.83 2.28 4.48
C CYS A 18 4.82 1.18 4.81
N ARG A 19 5.22 0.43 3.78
CA ARG A 19 6.16 -0.68 3.97
C ARG A 19 7.54 -0.29 3.48
N ASP A 20 7.71 0.98 3.14
CA ASP A 20 9.00 1.46 2.65
C ASP A 20 9.69 2.29 3.73
N LYS A 21 8.99 2.53 4.84
CA LYS A 21 9.57 3.30 5.93
C LYS A 21 9.81 2.42 7.15
N VAL A 22 9.16 1.25 7.16
CA VAL A 22 9.28 0.33 8.27
C VAL A 22 9.81 -1.01 7.78
N LYS A 23 9.26 -1.49 6.66
CA LYS A 23 9.68 -2.76 6.10
C LYS A 23 10.37 -2.55 4.75
N THR A 24 10.05 -3.40 3.78
CA THR A 24 10.65 -3.29 2.46
C THR A 24 9.62 -3.61 1.38
N ASP A 25 10.07 -3.66 0.13
CA ASP A 25 9.18 -3.97 -0.98
C ASP A 25 8.48 -5.31 -0.77
N GLY A 26 9.27 -6.31 -0.37
CA GLY A 26 8.72 -7.64 -0.14
C GLY A 26 7.40 -7.55 0.62
N TYR A 27 7.24 -6.50 1.42
CA TYR A 27 6.02 -6.32 2.18
C TYR A 27 4.99 -5.52 1.37
N PHE A 28 5.47 -4.48 0.70
CA PHE A 28 4.59 -3.64 -0.11
C PHE A 28 3.60 -4.50 -0.89
N TYR A 29 4.10 -5.61 -1.43
CA TYR A 29 3.24 -6.52 -2.21
C TYR A 29 1.99 -6.87 -1.41
N GLU A 30 2.18 -7.29 -0.16
CA GLU A 30 1.06 -7.66 0.69
C GLU A 30 0.18 -6.46 0.97
N CYS A 31 0.79 -5.29 1.07
CA CYS A 31 0.04 -4.06 1.33
C CYS A 31 -0.92 -3.77 0.19
N CYS A 32 -0.48 -4.03 -1.03
CA CYS A 32 -1.32 -3.78 -2.20
C CYS A 32 -2.48 -4.77 -2.25
N THR A 33 -2.21 -6.00 -1.84
CA THR A 33 -3.25 -7.04 -1.85
C THR A 33 -4.14 -6.89 -0.62
N SER A 34 -3.54 -6.95 0.56
CA SER A 34 -4.31 -6.82 1.80
C SER A 34 -5.13 -5.54 1.79
N ASP A 35 -6.38 -5.64 2.21
CA ASP A 35 -7.27 -4.49 2.25
C ASP A 35 -7.10 -3.73 3.57
N SER A 36 -7.10 -4.46 4.67
CA SER A 36 -6.93 -3.85 5.99
C SER A 36 -5.66 -3.01 6.03
N THR A 37 -4.63 -3.46 5.31
CA THR A 37 -3.37 -2.73 5.27
C THR A 37 -3.51 -1.43 4.49
N PHE A 38 -4.03 -1.54 3.28
CA PHE A 38 -4.21 -0.36 2.43
C PHE A 38 -5.08 0.68 3.15
N LYS A 39 -6.11 0.21 3.84
CA LYS A 39 -7.00 1.10 4.58
C LYS A 39 -6.31 1.65 5.82
N LYS A 40 -5.38 0.88 6.36
CA LYS A 40 -4.65 1.31 7.55
C LYS A 40 -3.37 2.04 7.16
N CYS A 41 -3.02 1.98 5.89
CA CYS A 41 -1.82 2.64 5.39
C CYS A 41 -2.16 4.02 4.84
N GLN A 42 -3.29 4.12 4.15
CA GLN A 42 -3.72 5.39 3.58
C GLN A 42 -3.87 6.43 4.67
N ASP A 43 -4.29 5.99 5.86
CA ASP A 43 -4.47 6.90 6.99
C ASP A 43 -3.11 7.37 7.51
N LEU A 44 -2.07 6.58 7.24
CA LEU A 44 -0.73 6.94 7.70
C LEU A 44 -0.12 7.99 6.78
N LEU A 45 -0.22 7.77 5.48
CA LEU A 45 0.34 8.70 4.51
C LEU A 45 -0.61 9.87 4.29
N HIS A 46 -1.89 9.56 4.11
CA HIS A 46 -2.89 10.58 3.89
C HIS A 46 -2.62 11.33 2.58
N ALA A 1 -12.61 -5.89 -8.14
CA ALA A 1 -11.66 -6.82 -7.47
C ALA A 1 -10.46 -7.06 -8.38
N ASP A 2 -10.12 -6.05 -9.18
CA ASP A 2 -8.98 -6.16 -10.08
C ASP A 2 -8.28 -4.82 -10.22
N ASN A 3 -8.56 -3.91 -9.29
CA ASN A 3 -7.94 -2.59 -9.32
C ASN A 3 -7.23 -2.29 -8.01
N LYS A 4 -6.12 -2.99 -7.77
CA LYS A 4 -5.36 -2.79 -6.55
C LYS A 4 -4.11 -1.97 -6.84
N CYS A 5 -2.96 -2.64 -6.94
CA CYS A 5 -1.71 -1.96 -7.22
C CYS A 5 -1.67 -1.45 -8.65
N GLU A 6 -2.83 -1.41 -9.29
CA GLU A 6 -2.92 -0.96 -10.68
C GLU A 6 -4.03 0.09 -10.82
N ASN A 7 -4.45 0.66 -9.70
CA ASN A 7 -5.51 1.66 -9.71
C ASN A 7 -4.95 3.01 -10.14
N SER A 8 -4.23 3.66 -9.22
CA SER A 8 -3.64 4.96 -9.53
C SER A 8 -2.24 5.07 -8.92
N LEU A 9 -1.46 6.02 -9.41
CA LEU A 9 -0.10 6.21 -8.91
C LEU A 9 -0.13 6.60 -7.44
N ARG A 10 -1.13 7.40 -7.06
CA ARG A 10 -1.25 7.84 -5.67
C ARG A 10 -1.36 6.64 -4.74
N ARG A 11 -2.14 5.64 -5.15
CA ARG A 11 -2.32 4.44 -4.34
C ARG A 11 -1.00 3.68 -4.21
N GLU A 12 -0.29 3.54 -5.33
CA GLU A 12 0.98 2.83 -5.35
C GLU A 12 1.98 3.51 -4.42
N ILE A 13 2.04 4.84 -4.50
CA ILE A 13 2.96 5.61 -3.66
C ILE A 13 2.57 5.48 -2.19
N ALA A 14 1.28 5.56 -1.92
CA ALA A 14 0.78 5.45 -0.54
C ALA A 14 1.30 4.16 0.10
N CYS A 15 0.72 3.04 -0.31
CA CYS A 15 1.12 1.74 0.24
C CYS A 15 2.63 1.60 0.19
N GLY A 16 3.25 2.13 -0.86
CA GLY A 16 4.69 2.06 -1.01
C GLY A 16 5.40 2.62 0.22
N GLN A 17 5.55 3.94 0.26
CA GLN A 17 6.21 4.60 1.38
C GLN A 17 5.84 3.92 2.70
N CYS A 18 4.54 3.75 2.91
CA CYS A 18 4.07 3.12 4.13
C CYS A 18 4.94 1.91 4.50
N ARG A 19 4.86 0.88 3.69
CA ARG A 19 5.63 -0.33 3.93
C ARG A 19 7.12 -0.06 3.77
N ASP A 20 7.45 1.14 3.31
CA ASP A 20 8.85 1.52 3.12
C ASP A 20 9.40 2.21 4.36
N LYS A 21 8.52 2.47 5.33
CA LYS A 21 8.92 3.12 6.57
C LYS A 21 8.88 2.12 7.72
N VAL A 22 7.92 1.19 7.67
CA VAL A 22 7.79 0.19 8.72
C VAL A 22 8.34 -1.15 8.24
N LYS A 23 7.72 -1.71 7.22
CA LYS A 23 8.16 -2.99 6.67
C LYS A 23 9.28 -2.80 5.67
N THR A 24 9.09 -3.33 4.47
CA THR A 24 10.09 -3.20 3.42
C THR A 24 9.43 -3.04 2.05
N ASP A 25 10.22 -2.66 1.06
CA ASP A 25 9.70 -2.46 -0.29
C ASP A 25 9.09 -3.76 -0.82
N GLY A 26 9.35 -4.86 -0.12
CA GLY A 26 8.82 -6.16 -0.52
C GLY A 26 7.37 -6.30 -0.06
N TYR A 27 7.10 -5.89 1.18
CA TYR A 27 5.75 -5.97 1.73
C TYR A 27 4.80 -5.10 0.92
N PHE A 28 5.32 -4.00 0.36
CA PHE A 28 4.50 -3.10 -0.43
C PHE A 28 3.52 -3.88 -1.30
N TYR A 29 3.95 -5.05 -1.76
CA TYR A 29 3.10 -5.89 -2.61
C TYR A 29 2.00 -6.55 -1.78
N GLU A 30 2.38 -7.07 -0.61
CA GLU A 30 1.42 -7.73 0.26
C GLU A 30 0.28 -6.78 0.63
N CYS A 31 0.63 -5.51 0.91
CA CYS A 31 -0.36 -4.52 1.28
C CYS A 31 -1.29 -4.23 0.12
N CYS A 32 -0.72 -4.05 -1.07
CA CYS A 32 -1.50 -3.77 -2.26
C CYS A 32 -2.57 -4.84 -2.45
N THR A 33 -2.25 -6.07 -2.10
CA THR A 33 -3.19 -7.17 -2.23
C THR A 33 -4.14 -7.22 -1.03
N SER A 34 -3.57 -7.20 0.17
CA SER A 34 -4.37 -7.23 1.39
C SER A 34 -4.99 -5.87 1.66
N ASP A 35 -6.23 -5.88 2.14
CA ASP A 35 -6.94 -4.64 2.43
C ASP A 35 -6.71 -4.23 3.89
N SER A 36 -6.87 -5.18 4.79
CA SER A 36 -6.68 -4.90 6.22
C SER A 36 -5.39 -4.12 6.44
N THR A 37 -4.39 -4.38 5.61
CA THR A 37 -3.11 -3.69 5.73
C THR A 37 -3.17 -2.32 5.07
N PHE A 38 -3.50 -2.30 3.77
CA PHE A 38 -3.59 -1.05 3.03
C PHE A 38 -4.42 -0.03 3.80
N LYS A 39 -5.33 -0.53 4.63
CA LYS A 39 -6.20 0.35 5.41
C LYS A 39 -5.39 1.05 6.51
N LYS A 40 -4.34 0.38 6.98
CA LYS A 40 -3.50 0.95 8.03
C LYS A 40 -2.47 1.89 7.41
N CYS A 41 -2.06 1.61 6.18
CA CYS A 41 -1.08 2.44 5.50
C CYS A 41 -1.68 3.81 5.17
N GLN A 42 -2.63 3.84 4.25
CA GLN A 42 -3.27 5.08 3.85
C GLN A 42 -3.64 5.90 5.09
N ASP A 43 -3.96 5.21 6.19
CA ASP A 43 -4.33 5.89 7.42
C ASP A 43 -3.14 6.69 7.96
N LEU A 44 -1.94 6.17 7.74
CA LEU A 44 -0.73 6.85 8.20
C LEU A 44 -0.34 7.96 7.22
N LEU A 45 -0.39 7.64 5.93
CA LEU A 45 -0.04 8.62 4.91
C LEU A 45 -1.00 9.80 4.94
N HIS A 46 -2.28 9.51 4.80
CA HIS A 46 -3.30 10.56 4.82
C HIS A 46 -4.66 9.98 5.19
N ALA A 1 -13.78 -6.32 -8.89
CA ALA A 1 -13.13 -5.50 -7.83
C ALA A 1 -11.62 -5.52 -8.04
N ASP A 2 -11.17 -4.87 -9.10
CA ASP A 2 -9.74 -4.82 -9.41
C ASP A 2 -9.15 -3.48 -8.95
N ASN A 3 -9.02 -3.32 -7.65
CA ASN A 3 -8.46 -2.08 -7.09
C ASN A 3 -7.25 -2.38 -6.21
N LYS A 4 -6.09 -2.53 -6.84
CA LYS A 4 -4.88 -2.82 -6.10
C LYS A 4 -3.68 -2.12 -6.74
N CYS A 5 -2.53 -2.78 -6.75
CA CYS A 5 -1.33 -2.22 -7.34
C CYS A 5 -1.49 -2.06 -8.84
N GLU A 6 -2.70 -2.26 -9.34
CA GLU A 6 -2.97 -2.14 -10.77
C GLU A 6 -3.74 -0.84 -11.05
N ASN A 7 -4.03 -0.08 -10.00
CA ASN A 7 -4.75 1.17 -10.15
C ASN A 7 -3.78 2.33 -10.38
N SER A 8 -4.23 3.54 -10.10
CA SER A 8 -3.41 4.73 -10.27
C SER A 8 -2.15 4.62 -9.42
N LEU A 9 -1.31 5.66 -9.47
CA LEU A 9 -0.08 5.66 -8.70
C LEU A 9 -0.32 6.20 -7.30
N ARG A 10 -1.39 6.96 -7.14
CA ARG A 10 -1.73 7.53 -5.83
C ARG A 10 -1.69 6.46 -4.75
N ARG A 11 -2.28 5.30 -5.05
CA ARG A 11 -2.32 4.20 -4.10
C ARG A 11 -0.92 3.64 -3.88
N GLU A 12 -0.16 3.50 -4.97
CA GLU A 12 1.19 2.97 -4.89
C GLU A 12 2.04 3.81 -3.95
N ILE A 13 1.80 5.12 -3.95
CA ILE A 13 2.56 6.02 -3.10
C ILE A 13 2.20 5.78 -1.64
N ALA A 14 0.90 5.64 -1.37
CA ALA A 14 0.44 5.41 -0.01
C ALA A 14 1.08 4.15 0.56
N CYS A 15 0.60 3.00 0.11
CA CYS A 15 1.14 1.72 0.56
C CYS A 15 2.66 1.73 0.51
N GLY A 16 3.21 2.55 -0.38
CA GLY A 16 4.66 2.67 -0.51
C GLY A 16 5.27 3.30 0.74
N GLN A 17 5.13 4.62 0.86
CA GLN A 17 5.66 5.35 2.01
C GLN A 17 5.48 4.52 3.28
N CYS A 18 4.39 3.77 3.32
CA CYS A 18 4.10 2.93 4.49
C CYS A 18 5.20 1.90 4.69
N ARG A 19 5.16 0.82 3.91
CA ARG A 19 6.16 -0.23 4.03
C ARG A 19 7.47 0.16 3.37
N ASP A 20 7.63 1.45 3.13
CA ASP A 20 8.85 1.96 2.52
C ASP A 20 9.64 2.78 3.51
N LYS A 21 9.10 2.94 4.73
CA LYS A 21 9.79 3.72 5.75
C LYS A 21 10.05 2.87 7.00
N VAL A 22 9.59 1.62 6.95
CA VAL A 22 9.74 0.70 8.06
C VAL A 22 10.20 -0.67 7.57
N LYS A 23 9.33 -1.35 6.83
CA LYS A 23 9.66 -2.67 6.31
C LYS A 23 10.49 -2.55 5.03
N THR A 24 10.12 -3.33 4.02
CA THR A 24 10.83 -3.31 2.76
C THR A 24 9.87 -3.41 1.58
N ASP A 25 10.41 -3.62 0.38
CA ASP A 25 9.59 -3.73 -0.81
C ASP A 25 8.64 -4.93 -0.70
N GLY A 26 9.15 -6.03 -0.16
CA GLY A 26 8.35 -7.24 0.00
C GLY A 26 7.01 -6.93 0.66
N TYR A 27 7.07 -6.30 1.83
CA TYR A 27 5.85 -5.96 2.56
C TYR A 27 4.96 -5.06 1.72
N PHE A 28 5.56 -4.06 1.08
CA PHE A 28 4.80 -3.13 0.24
C PHE A 28 3.93 -3.91 -0.74
N TYR A 29 4.47 -4.95 -1.34
CA TYR A 29 3.73 -5.75 -2.30
C TYR A 29 2.58 -6.49 -1.60
N GLU A 30 2.87 -7.03 -0.42
CA GLU A 30 1.86 -7.75 0.34
C GLU A 30 0.66 -6.86 0.64
N CYS A 31 0.93 -5.61 1.00
CA CYS A 31 -0.14 -4.67 1.31
C CYS A 31 -0.97 -4.38 0.07
N CYS A 32 -0.30 -4.14 -1.05
CA CYS A 32 -0.98 -3.86 -2.30
C CYS A 32 -2.01 -4.93 -2.61
N THR A 33 -1.65 -6.18 -2.29
CA THR A 33 -2.54 -7.31 -2.54
C THR A 33 -3.62 -7.40 -1.46
N SER A 34 -3.20 -7.22 -0.21
CA SER A 34 -4.12 -7.28 0.92
C SER A 34 -4.91 -5.99 1.03
N ASP A 35 -6.19 -6.10 1.38
CA ASP A 35 -7.04 -4.93 1.53
C ASP A 35 -7.00 -4.40 2.96
N SER A 36 -7.32 -5.26 3.91
CA SER A 36 -7.32 -4.87 5.32
C SER A 36 -5.99 -4.22 5.69
N THR A 37 -5.03 -4.30 4.78
CA THR A 37 -3.72 -3.72 5.02
C THR A 37 -3.60 -2.35 4.34
N PHE A 38 -4.00 -2.30 3.07
CA PHE A 38 -3.94 -1.05 2.32
C PHE A 38 -4.80 0.02 2.98
N LYS A 39 -5.95 -0.38 3.50
CA LYS A 39 -6.85 0.55 4.16
C LYS A 39 -6.25 1.02 5.49
N LYS A 40 -5.30 0.25 6.01
CA LYS A 40 -4.66 0.60 7.27
C LYS A 40 -3.48 1.54 7.03
N CYS A 41 -2.96 1.53 5.81
CA CYS A 41 -1.82 2.38 5.47
C CYS A 41 -2.28 3.82 5.25
N GLN A 42 -3.12 4.02 4.24
CA GLN A 42 -3.62 5.35 3.94
C GLN A 42 -4.01 6.08 5.23
N ASP A 43 -4.55 5.33 6.18
CA ASP A 43 -4.96 5.91 7.45
C ASP A 43 -3.77 6.55 8.16
N LEU A 44 -2.59 5.97 7.95
CA LEU A 44 -1.39 6.51 8.57
C LEU A 44 -0.80 7.62 7.71
N LEU A 45 -0.60 7.34 6.43
CA LEU A 45 -0.04 8.34 5.53
C LEU A 45 -0.83 9.63 5.60
N HIS A 46 -2.14 9.51 5.57
CA HIS A 46 -3.01 10.69 5.64
C HIS A 46 -2.53 11.75 4.65
N ALA A 1 -10.50 -10.01 -8.52
CA ALA A 1 -9.02 -10.05 -8.50
C ALA A 1 -8.47 -9.14 -9.59
N ASP A 2 -8.98 -7.91 -9.64
CA ASP A 2 -8.53 -6.95 -10.64
C ASP A 2 -8.65 -5.53 -10.12
N ASN A 3 -7.92 -5.24 -9.03
CA ASN A 3 -7.96 -3.91 -8.44
C ASN A 3 -6.96 -3.82 -7.29
N LYS A 4 -5.68 -3.75 -7.63
CA LYS A 4 -4.63 -3.66 -6.61
C LYS A 4 -4.01 -2.27 -6.61
N CYS A 5 -2.70 -2.21 -6.88
CA CYS A 5 -2.00 -0.93 -6.89
C CYS A 5 -1.99 -0.34 -8.30
N GLU A 6 -2.80 -0.92 -9.19
CA GLU A 6 -2.87 -0.45 -10.56
C GLU A 6 -4.10 0.41 -10.77
N ASN A 7 -4.77 0.76 -9.68
CA ASN A 7 -5.96 1.59 -9.75
C ASN A 7 -5.60 3.07 -9.81
N SER A 8 -4.94 3.55 -8.77
CA SER A 8 -4.53 4.95 -8.71
C SER A 8 -3.15 5.09 -8.05
N LEU A 9 -2.39 6.07 -8.51
CA LEU A 9 -1.06 6.30 -7.97
C LEU A 9 -1.14 6.70 -6.49
N ARG A 10 -2.27 7.27 -6.11
CA ARG A 10 -2.47 7.71 -4.73
C ARG A 10 -2.26 6.55 -3.77
N ARG A 11 -3.12 5.54 -3.86
CA ARG A 11 -3.03 4.38 -2.98
C ARG A 11 -1.67 3.71 -3.15
N GLU A 12 -1.14 3.74 -4.37
CA GLU A 12 0.16 3.13 -4.63
C GLU A 12 1.26 3.83 -3.85
N ILE A 13 1.30 5.15 -3.95
CA ILE A 13 2.31 5.93 -3.24
C ILE A 13 2.17 5.73 -1.74
N ALA A 14 0.94 5.77 -1.25
CA ALA A 14 0.69 5.59 0.17
C ALA A 14 1.35 4.31 0.68
N CYS A 15 0.74 3.18 0.38
CA CYS A 15 1.26 1.89 0.80
C CYS A 15 2.73 1.74 0.38
N GLY A 16 3.08 2.41 -0.72
CA GLY A 16 4.45 2.36 -1.22
C GLY A 16 5.44 2.78 -0.14
N GLN A 17 5.68 4.08 -0.05
CA GLN A 17 6.61 4.61 0.94
C GLN A 17 6.31 4.03 2.32
N CYS A 18 5.02 3.87 2.62
CA CYS A 18 4.62 3.33 3.92
C CYS A 18 5.51 2.15 4.31
N ARG A 19 5.24 0.99 3.73
CA ARG A 19 6.02 -0.20 4.03
C ARG A 19 7.50 0.03 3.74
N ASP A 20 7.79 1.01 2.90
CA ASP A 20 9.17 1.31 2.56
C ASP A 20 9.81 2.16 3.65
N LYS A 21 8.99 2.64 4.58
CA LYS A 21 9.49 3.46 5.67
C LYS A 21 9.62 2.64 6.95
N VAL A 22 8.80 1.60 7.05
CA VAL A 22 8.82 0.74 8.22
C VAL A 22 9.21 -0.69 7.85
N LYS A 23 8.31 -1.38 7.14
CA LYS A 23 8.58 -2.75 6.74
C LYS A 23 9.51 -2.78 5.54
N THR A 24 9.31 -3.76 4.66
CA THR A 24 10.14 -3.89 3.46
C THR A 24 9.27 -3.96 2.20
N ASP A 25 9.92 -4.11 1.06
CA ASP A 25 9.21 -4.19 -0.21
C ASP A 25 8.24 -5.38 -0.20
N GLY A 26 8.64 -6.45 0.45
CA GLY A 26 7.80 -7.65 0.53
C GLY A 26 6.40 -7.29 1.04
N TYR A 27 6.34 -6.38 2.01
CA TYR A 27 5.07 -5.96 2.58
C TYR A 27 4.33 -5.06 1.59
N PHE A 28 5.06 -4.13 0.98
CA PHE A 28 4.45 -3.20 0.03
C PHE A 28 3.59 -3.96 -0.97
N TYR A 29 4.08 -5.09 -1.45
CA TYR A 29 3.34 -5.89 -2.41
C TYR A 29 2.13 -6.55 -1.74
N GLU A 30 2.36 -7.15 -0.58
CA GLU A 30 1.29 -7.80 0.15
C GLU A 30 0.10 -6.86 0.31
N CYS A 31 0.39 -5.59 0.60
CA CYS A 31 -0.66 -4.61 0.76
C CYS A 31 -1.36 -4.35 -0.57
N CYS A 32 -0.58 -3.99 -1.58
CA CYS A 32 -1.15 -3.72 -2.90
C CYS A 32 -2.26 -4.72 -3.22
N THR A 33 -2.08 -5.95 -2.78
CA THR A 33 -3.07 -7.00 -3.02
C THR A 33 -4.18 -6.93 -1.98
N SER A 34 -3.79 -6.79 -0.72
CA SER A 34 -4.76 -6.73 0.37
C SER A 34 -5.14 -5.28 0.66
N ASP A 35 -6.44 -4.98 0.57
CA ASP A 35 -6.93 -3.64 0.83
C ASP A 35 -7.03 -3.38 2.32
N SER A 36 -7.31 -4.43 3.09
CA SER A 36 -7.44 -4.31 4.53
C SER A 36 -6.12 -3.85 5.15
N THR A 37 -5.09 -3.76 4.33
CA THR A 37 -3.78 -3.33 4.81
C THR A 37 -3.53 -1.86 4.45
N PHE A 38 -3.83 -1.50 3.21
CA PHE A 38 -3.64 -0.12 2.76
C PHE A 38 -4.44 0.84 3.62
N LYS A 39 -5.54 0.35 4.18
CA LYS A 39 -6.40 1.17 5.02
C LYS A 39 -5.64 1.63 6.26
N LYS A 40 -4.59 0.90 6.61
CA LYS A 40 -3.78 1.25 7.77
C LYS A 40 -2.64 2.18 7.38
N CYS A 41 -1.98 1.86 6.27
CA CYS A 41 -0.87 2.68 5.79
C CYS A 41 -1.35 4.09 5.45
N GLN A 42 -2.36 4.17 4.59
CA GLN A 42 -2.90 5.47 4.19
C GLN A 42 -3.29 6.28 5.41
N ASP A 43 -3.62 5.58 6.50
CA ASP A 43 -4.00 6.26 7.73
C ASP A 43 -2.78 6.95 8.34
N LEU A 44 -1.58 6.51 7.96
CA LEU A 44 -0.38 7.10 8.47
C LEU A 44 0.08 8.21 7.53
N LEU A 45 0.25 7.86 6.27
CA LEU A 45 0.71 8.82 5.28
C LEU A 45 -0.15 10.05 5.29
N HIS A 46 -1.46 9.83 5.29
CA HIS A 46 -2.41 10.94 5.30
C HIS A 46 -2.97 11.16 6.70
N ALA A 1 -9.71 -9.55 -8.44
CA ALA A 1 -8.24 -9.40 -8.26
C ALA A 1 -7.73 -8.26 -9.12
N ASP A 2 -8.64 -7.63 -9.87
CA ASP A 2 -8.27 -6.51 -10.72
C ASP A 2 -8.58 -5.19 -10.02
N ASN A 3 -7.77 -4.85 -9.02
CA ASN A 3 -7.96 -3.60 -8.29
C ASN A 3 -6.93 -3.47 -7.17
N LYS A 4 -5.76 -2.93 -7.52
CA LYS A 4 -4.70 -2.77 -6.55
C LYS A 4 -3.85 -1.54 -6.89
N CYS A 5 -2.53 -1.70 -6.86
CA CYS A 5 -1.61 -0.60 -7.18
C CYS A 5 -1.65 -0.29 -8.67
N GLU A 6 -2.69 -0.77 -9.34
CA GLU A 6 -2.83 -0.54 -10.78
C GLU A 6 -3.82 0.60 -11.04
N ASN A 7 -4.51 1.02 -9.99
CA ASN A 7 -5.48 2.11 -10.11
C ASN A 7 -4.78 3.46 -10.10
N SER A 8 -5.08 4.26 -9.09
CA SER A 8 -4.48 5.58 -8.97
C SER A 8 -3.08 5.48 -8.36
N LEU A 9 -2.17 6.31 -8.85
CA LEU A 9 -0.80 6.31 -8.35
C LEU A 9 -0.78 6.53 -6.85
N ARG A 10 -1.75 7.29 -6.35
CA ARG A 10 -1.83 7.58 -4.93
C ARG A 10 -1.82 6.28 -4.12
N ARG A 11 -2.47 5.25 -4.66
CA ARG A 11 -2.54 3.96 -3.99
C ARG A 11 -1.15 3.34 -3.88
N GLU A 12 -0.42 3.35 -4.99
CA GLU A 12 0.94 2.79 -5.01
C GLU A 12 1.86 3.58 -4.09
N ILE A 13 1.63 4.88 -4.00
CA ILE A 13 2.46 5.73 -3.15
C ILE A 13 2.15 5.46 -1.69
N ALA A 14 0.87 5.39 -1.38
CA ALA A 14 0.45 5.14 -0.01
C ALA A 14 1.09 3.86 0.53
N CYS A 15 0.61 2.73 0.04
CA CYS A 15 1.13 1.44 0.47
C CYS A 15 2.64 1.41 0.34
N GLY A 16 3.15 2.16 -0.64
CA GLY A 16 4.59 2.22 -0.88
C GLY A 16 5.30 2.86 0.31
N GLN A 17 5.23 4.17 0.41
CA GLN A 17 5.87 4.90 1.51
C GLN A 17 5.71 4.11 2.82
N CYS A 18 4.56 3.48 2.96
CA CYS A 18 4.28 2.70 4.16
C CYS A 18 5.30 1.58 4.32
N ARG A 19 5.11 0.48 3.61
CA ARG A 19 6.02 -0.65 3.72
C ARG A 19 7.43 -0.27 3.29
N ASP A 20 7.65 1.01 3.03
CA ASP A 20 8.96 1.48 2.59
C ASP A 20 9.65 2.25 3.72
N LYS A 21 8.87 2.67 4.71
CA LYS A 21 9.44 3.42 5.84
C LYS A 21 9.48 2.55 7.08
N VAL A 22 8.70 1.47 7.07
CA VAL A 22 8.66 0.55 8.18
C VAL A 22 9.10 -0.84 7.75
N LYS A 23 8.49 -1.34 6.68
CA LYS A 23 8.84 -2.66 6.18
C LYS A 23 9.79 -2.56 4.99
N THR A 24 9.42 -3.20 3.89
CA THR A 24 10.26 -3.19 2.69
C THR A 24 9.40 -3.36 1.44
N ASP A 25 10.03 -3.34 0.27
CA ASP A 25 9.32 -3.50 -0.98
C ASP A 25 8.76 -4.91 -1.11
N GLY A 26 9.13 -5.77 -0.16
CA GLY A 26 8.66 -7.14 -0.16
C GLY A 26 7.34 -7.28 0.56
N TYR A 27 7.03 -6.31 1.41
CA TYR A 27 5.78 -6.33 2.16
C TYR A 27 4.75 -5.43 1.49
N PHE A 28 5.23 -4.43 0.75
CA PHE A 28 4.34 -3.51 0.05
C PHE A 28 3.35 -4.28 -0.82
N TYR A 29 3.78 -5.44 -1.33
CA TYR A 29 2.93 -6.25 -2.17
C TYR A 29 1.79 -6.85 -1.35
N GLU A 30 2.11 -7.35 -0.17
CA GLU A 30 1.11 -7.94 0.71
C GLU A 30 0.01 -6.95 1.04
N CYS A 31 0.39 -5.68 1.26
CA CYS A 31 -0.59 -4.66 1.58
C CYS A 31 -1.39 -4.27 0.35
N CYS A 32 -0.70 -4.15 -0.79
CA CYS A 32 -1.37 -3.77 -2.03
C CYS A 32 -2.50 -4.75 -2.35
N THR A 33 -2.32 -6.01 -1.94
CA THR A 33 -3.33 -7.03 -2.18
C THR A 33 -4.41 -6.99 -1.10
N SER A 34 -3.99 -6.95 0.16
CA SER A 34 -4.93 -6.90 1.27
C SER A 34 -5.57 -5.52 1.38
N ASP A 35 -6.82 -5.49 1.82
CA ASP A 35 -7.53 -4.22 1.97
C ASP A 35 -7.32 -3.63 3.36
N SER A 36 -7.75 -4.37 4.38
CA SER A 36 -7.60 -3.90 5.75
C SER A 36 -6.23 -3.25 5.95
N THR A 37 -5.22 -3.76 5.26
CA THR A 37 -3.88 -3.21 5.37
C THR A 37 -3.80 -1.87 4.65
N PHE A 38 -4.14 -1.86 3.37
CA PHE A 38 -4.11 -0.63 2.59
C PHE A 38 -4.85 0.49 3.31
N LYS A 39 -5.96 0.13 3.95
CA LYS A 39 -6.76 1.11 4.69
C LYS A 39 -5.99 1.64 5.89
N LYS A 40 -5.07 0.82 6.39
CA LYS A 40 -4.27 1.21 7.54
C LYS A 40 -3.09 2.08 7.12
N CYS A 41 -2.63 1.87 5.88
CA CYS A 41 -1.50 2.64 5.37
C CYS A 41 -1.90 4.08 5.12
N GLN A 42 -2.80 4.28 4.15
CA GLN A 42 -3.26 5.63 3.82
C GLN A 42 -3.49 6.44 5.08
N ASP A 43 -3.95 5.77 6.13
CA ASP A 43 -4.22 6.44 7.40
C ASP A 43 -2.92 6.98 7.99
N LEU A 44 -1.84 6.22 7.82
CA LEU A 44 -0.55 6.63 8.34
C LEU A 44 0.06 7.72 7.45
N LEU A 45 0.15 7.45 6.16
CA LEU A 45 0.72 8.43 5.24
C LEU A 45 0.01 9.76 5.39
N HIS A 46 -1.32 9.72 5.38
CA HIS A 46 -2.09 10.94 5.51
C HIS A 46 -1.53 12.03 4.60
N ALA A 1 -12.74 -3.90 -3.80
CA ALA A 1 -11.82 -5.07 -3.85
C ALA A 1 -10.83 -4.89 -4.99
N ASP A 2 -11.26 -4.18 -6.03
CA ASP A 2 -10.41 -3.93 -7.19
C ASP A 2 -9.62 -2.65 -7.03
N ASN A 3 -8.56 -2.71 -6.23
CA ASN A 3 -7.72 -1.52 -5.99
C ASN A 3 -6.35 -1.93 -5.50
N LYS A 4 -5.41 -2.11 -6.42
CA LYS A 4 -4.05 -2.51 -6.07
C LYS A 4 -3.04 -1.57 -6.73
N CYS A 5 -1.82 -2.07 -6.91
CA CYS A 5 -0.77 -1.28 -7.52
C CYS A 5 -1.10 -0.96 -8.98
N GLU A 6 -2.28 -1.40 -9.42
CA GLU A 6 -2.71 -1.16 -10.78
C GLU A 6 -3.80 -0.10 -10.83
N ASN A 7 -4.13 0.45 -9.66
CA ASN A 7 -5.16 1.47 -9.57
C ASN A 7 -4.62 2.83 -10.02
N SER A 8 -3.95 3.52 -9.11
CA SER A 8 -3.38 4.83 -9.41
C SER A 8 -2.01 4.98 -8.76
N LEU A 9 -1.31 6.05 -9.12
CA LEU A 9 0.01 6.31 -8.55
C LEU A 9 -0.11 6.68 -7.07
N ARG A 10 -1.18 7.38 -6.73
CA ARG A 10 -1.42 7.79 -5.35
C ARG A 10 -1.48 6.57 -4.44
N ARG A 11 -2.19 5.54 -4.90
CA ARG A 11 -2.32 4.31 -4.12
C ARG A 11 -0.96 3.64 -3.95
N GLU A 12 -0.23 3.52 -5.06
CA GLU A 12 1.09 2.89 -5.02
C GLU A 12 1.99 3.59 -4.01
N ILE A 13 2.00 4.92 -4.04
CA ILE A 13 2.82 5.69 -3.12
C ILE A 13 2.36 5.48 -1.69
N ALA A 14 1.04 5.49 -1.49
CA ALA A 14 0.49 5.29 -0.15
C ALA A 14 1.06 4.03 0.49
N CYS A 15 0.66 2.89 -0.05
CA CYS A 15 1.13 1.60 0.45
C CYS A 15 2.66 1.53 0.39
N GLY A 16 3.23 2.18 -0.61
CA GLY A 16 4.68 2.18 -0.78
C GLY A 16 5.36 2.72 0.47
N GLN A 17 5.40 4.04 0.60
CA GLN A 17 6.03 4.68 1.75
C GLN A 17 5.58 4.01 3.04
N CYS A 18 4.31 3.65 3.12
CA CYS A 18 3.78 3.00 4.30
C CYS A 18 4.66 1.83 4.72
N ARG A 19 5.08 1.01 3.75
CA ARG A 19 5.91 -0.14 4.04
C ARG A 19 7.38 0.20 3.83
N ASP A 20 7.63 1.36 3.24
CA ASP A 20 9.01 1.80 2.97
C ASP A 20 9.55 2.59 4.15
N LYS A 21 8.71 2.80 5.17
CA LYS A 21 9.14 3.54 6.35
C LYS A 21 9.14 2.64 7.57
N VAL A 22 8.69 1.40 7.38
CA VAL A 22 8.64 0.44 8.48
C VAL A 22 9.07 -0.93 7.99
N LYS A 23 8.52 -1.36 6.86
CA LYS A 23 8.87 -2.67 6.30
C LYS A 23 9.83 -2.51 5.14
N THR A 24 9.62 -3.29 4.08
CA THR A 24 10.48 -3.24 2.91
C THR A 24 9.65 -3.23 1.63
N ASP A 25 10.31 -3.50 0.50
CA ASP A 25 9.63 -3.52 -0.78
C ASP A 25 8.71 -4.75 -0.88
N GLY A 26 9.19 -5.88 -0.38
CA GLY A 26 8.41 -7.11 -0.41
C GLY A 26 7.05 -6.91 0.27
N TYR A 27 7.07 -6.24 1.42
CA TYR A 27 5.84 -5.99 2.16
C TYR A 27 4.93 -5.04 1.39
N PHE A 28 5.52 -3.97 0.86
CA PHE A 28 4.75 -2.99 0.09
C PHE A 28 3.89 -3.69 -0.96
N TYR A 29 4.44 -4.75 -1.57
CA TYR A 29 3.70 -5.48 -2.58
C TYR A 29 2.58 -6.29 -1.95
N GLU A 30 2.87 -6.94 -0.83
CA GLU A 30 1.87 -7.73 -0.13
C GLU A 30 0.65 -6.89 0.22
N CYS A 31 0.88 -5.66 0.68
CA CYS A 31 -0.20 -4.77 1.05
C CYS A 31 -0.98 -4.34 -0.19
N CYS A 32 -0.27 -4.03 -1.26
CA CYS A 32 -0.91 -3.61 -2.50
C CYS A 32 -1.94 -4.64 -2.94
N THR A 33 -1.64 -5.91 -2.70
CA THR A 33 -2.55 -6.98 -3.08
C THR A 33 -3.68 -7.11 -2.06
N SER A 34 -3.31 -7.18 -0.79
CA SER A 34 -4.30 -7.30 0.28
C SER A 34 -5.07 -6.00 0.45
N ASP A 35 -6.32 -6.11 0.88
CA ASP A 35 -7.16 -4.94 1.09
C ASP A 35 -7.01 -4.41 2.51
N SER A 36 -7.40 -5.23 3.48
CA SER A 36 -7.32 -4.85 4.88
C SER A 36 -5.96 -4.19 5.18
N THR A 37 -4.88 -4.86 4.79
CA THR A 37 -3.55 -4.33 5.02
C THR A 37 -3.42 -2.94 4.40
N PHE A 38 -3.80 -2.83 3.13
CA PHE A 38 -3.72 -1.54 2.43
C PHE A 38 -4.60 -0.50 3.11
N LYS A 39 -5.75 -0.96 3.62
CA LYS A 39 -6.67 -0.06 4.30
C LYS A 39 -6.02 0.56 5.53
N LYS A 40 -5.04 -0.14 6.09
CA LYS A 40 -4.35 0.35 7.27
C LYS A 40 -3.20 1.27 6.88
N CYS A 41 -2.72 1.12 5.65
CA CYS A 41 -1.62 1.94 5.16
C CYS A 41 -2.14 3.27 4.62
N GLN A 42 -3.21 3.20 3.82
CA GLN A 42 -3.79 4.41 3.25
C GLN A 42 -4.19 5.38 4.36
N ASP A 43 -4.45 4.84 5.55
CA ASP A 43 -4.83 5.67 6.68
C ASP A 43 -3.62 6.41 7.24
N LEU A 44 -2.44 5.84 7.03
CA LEU A 44 -1.22 6.45 7.51
C LEU A 44 -0.82 7.64 6.64
N LEU A 45 -0.76 7.42 5.34
CA LEU A 45 -0.38 8.48 4.41
C LEU A 45 -1.56 9.40 4.15
N HIS A 46 -2.75 8.82 4.07
CA HIS A 46 -3.94 9.61 3.84
C HIS A 46 -5.14 9.01 4.57
N ALA A 1 -11.96 -5.45 -12.48
CA ALA A 1 -12.03 -6.67 -11.61
C ALA A 1 -10.99 -6.56 -10.51
N ASP A 2 -9.74 -6.34 -10.90
CA ASP A 2 -8.65 -6.22 -9.94
C ASP A 2 -7.99 -4.84 -10.03
N ASN A 3 -8.43 -3.93 -9.17
CA ASN A 3 -7.88 -2.58 -9.16
C ASN A 3 -7.12 -2.31 -7.88
N LYS A 4 -5.98 -2.99 -7.71
CA LYS A 4 -5.16 -2.82 -6.52
C LYS A 4 -3.87 -2.08 -6.86
N CYS A 5 -2.78 -2.82 -7.00
CA CYS A 5 -1.49 -2.22 -7.31
C CYS A 5 -1.46 -1.77 -8.77
N GLU A 6 -2.63 -1.64 -9.37
CA GLU A 6 -2.73 -1.21 -10.76
C GLU A 6 -3.84 -0.18 -10.93
N ASN A 7 -4.28 0.40 -9.82
CA ASN A 7 -5.34 1.40 -9.85
C ASN A 7 -4.76 2.78 -10.17
N SER A 8 -4.25 3.45 -9.15
CA SER A 8 -3.68 4.78 -9.33
C SER A 8 -2.46 4.96 -8.44
N LEU A 9 -1.60 5.89 -8.81
CA LEU A 9 -0.39 6.16 -8.04
C LEU A 9 -0.74 6.40 -6.57
N ARG A 10 -1.97 6.83 -6.33
CA ARG A 10 -2.42 7.10 -4.97
C ARG A 10 -2.21 5.87 -4.08
N ARG A 11 -2.56 4.70 -4.61
CA ARG A 11 -2.41 3.47 -3.87
C ARG A 11 -0.95 3.04 -3.81
N GLU A 12 -0.26 3.17 -4.94
CA GLU A 12 1.14 2.80 -5.02
C GLU A 12 1.97 3.60 -4.02
N ILE A 13 1.66 4.88 -3.89
CA ILE A 13 2.37 5.74 -2.96
C ILE A 13 1.99 5.41 -1.53
N ALA A 14 0.68 5.38 -1.27
CA ALA A 14 0.19 5.07 0.06
C ALA A 14 0.86 3.82 0.61
N CYS A 15 0.38 2.67 0.17
CA CYS A 15 0.93 1.39 0.60
C CYS A 15 2.45 1.38 0.44
N GLY A 16 2.93 2.08 -0.59
CA GLY A 16 4.35 2.15 -0.86
C GLY A 16 5.10 2.71 0.34
N GLN A 17 5.15 4.05 0.42
CA GLN A 17 5.84 4.73 1.51
C GLN A 17 5.71 3.93 2.80
N CYS A 18 4.48 3.60 3.16
CA CYS A 18 4.23 2.83 4.37
C CYS A 18 5.28 1.74 4.56
N ARG A 19 5.21 0.70 3.73
CA ARG A 19 6.16 -0.40 3.82
C ARG A 19 7.56 0.06 3.40
N ASP A 20 7.68 1.34 3.07
CA ASP A 20 8.96 1.88 2.65
C ASP A 20 9.61 2.67 3.80
N LYS A 21 8.87 2.83 4.90
CA LYS A 21 9.38 3.56 6.04
C LYS A 21 9.52 2.64 7.25
N VAL A 22 8.75 1.54 7.23
CA VAL A 22 8.78 0.59 8.31
C VAL A 22 9.29 -0.77 7.84
N LYS A 23 8.77 -1.22 6.69
CA LYS A 23 9.18 -2.50 6.14
C LYS A 23 10.02 -2.30 4.89
N THR A 24 9.78 -3.14 3.88
CA THR A 24 10.51 -3.06 2.63
C THR A 24 9.60 -3.35 1.44
N ASP A 25 10.20 -3.58 0.27
CA ASP A 25 9.43 -3.87 -0.92
C ASP A 25 8.68 -5.19 -0.78
N GLY A 26 9.35 -6.17 -0.16
CA GLY A 26 8.76 -7.48 0.04
C GLY A 26 7.38 -7.36 0.69
N TYR A 27 7.28 -6.52 1.71
CA TYR A 27 6.02 -6.33 2.41
C TYR A 27 5.05 -5.51 1.57
N PHE A 28 5.55 -4.41 1.00
CA PHE A 28 4.73 -3.54 0.16
C PHE A 28 3.78 -4.36 -0.69
N TYR A 29 4.30 -5.41 -1.32
CA TYR A 29 3.47 -6.26 -2.16
C TYR A 29 2.22 -6.70 -1.41
N GLU A 30 2.40 -7.17 -0.18
CA GLU A 30 1.29 -7.62 0.64
C GLU A 30 0.33 -6.46 0.92
N CYS A 31 0.89 -5.26 1.00
CA CYS A 31 0.08 -4.07 1.27
C CYS A 31 -0.91 -3.82 0.13
N CYS A 32 -0.45 -4.06 -1.09
CA CYS A 32 -1.31 -3.85 -2.26
C CYS A 32 -2.40 -4.91 -2.32
N THR A 33 -2.06 -6.13 -1.92
CA THR A 33 -3.02 -7.23 -1.92
C THR A 33 -3.93 -7.14 -0.72
N SER A 34 -3.35 -7.10 0.47
CA SER A 34 -4.12 -7.01 1.71
C SER A 34 -4.92 -5.72 1.74
N ASP A 35 -6.15 -5.80 2.26
CA ASP A 35 -7.01 -4.63 2.35
C ASP A 35 -6.82 -3.92 3.68
N SER A 36 -6.81 -4.69 4.77
CA SER A 36 -6.64 -4.12 6.10
C SER A 36 -5.41 -3.23 6.14
N THR A 37 -4.35 -3.65 5.46
CA THR A 37 -3.11 -2.88 5.42
C THR A 37 -3.31 -1.58 4.67
N PHE A 38 -3.91 -1.66 3.50
CA PHE A 38 -4.15 -0.47 2.69
C PHE A 38 -5.06 0.51 3.43
N LYS A 39 -5.85 -0.02 4.36
CA LYS A 39 -6.76 0.82 5.13
C LYS A 39 -6.02 1.50 6.28
N LYS A 40 -5.04 0.80 6.85
CA LYS A 40 -4.27 1.35 7.96
C LYS A 40 -3.14 2.23 7.43
N CYS A 41 -2.64 1.90 6.25
CA CYS A 41 -1.55 2.66 5.65
C CYS A 41 -2.01 4.07 5.32
N GLN A 42 -2.91 4.19 4.35
CA GLN A 42 -3.43 5.49 3.94
C GLN A 42 -3.72 6.35 5.16
N ASP A 43 -4.27 5.74 6.20
CA ASP A 43 -4.59 6.46 7.42
C ASP A 43 -3.35 7.15 7.97
N LEU A 44 -2.20 6.48 7.84
CA LEU A 44 -0.94 7.03 8.32
C LEU A 44 -0.43 8.09 7.35
N LEU A 45 -0.34 7.73 6.08
CA LEU A 45 0.15 8.66 5.08
C LEU A 45 -0.67 9.93 5.08
N HIS A 46 -1.99 9.77 5.03
CA HIS A 46 -2.87 10.93 5.03
C HIS A 46 -4.33 10.48 5.11
N ALA A 1 -8.14 -7.06 -6.33
CA ALA A 1 -8.04 -7.24 -7.81
C ALA A 1 -8.29 -5.90 -8.50
N ASP A 2 -9.45 -5.31 -8.23
CA ASP A 2 -9.80 -4.02 -8.82
C ASP A 2 -9.63 -2.90 -7.80
N ASN A 3 -8.56 -2.97 -7.02
CA ASN A 3 -8.29 -1.95 -6.01
C ASN A 3 -6.91 -2.14 -5.41
N LYS A 4 -5.91 -2.32 -6.27
CA LYS A 4 -4.54 -2.52 -5.81
C LYS A 4 -3.58 -1.57 -6.53
N CYS A 5 -2.41 -2.06 -6.89
CA CYS A 5 -1.42 -1.25 -7.59
C CYS A 5 -1.82 -1.08 -9.04
N GLU A 6 -3.08 -1.37 -9.35
CA GLU A 6 -3.57 -1.24 -10.72
C GLU A 6 -4.40 0.03 -10.87
N ASN A 7 -4.71 0.67 -9.75
CA ASN A 7 -5.49 1.90 -9.76
C ASN A 7 -4.57 3.11 -9.88
N SER A 8 -5.08 4.27 -9.44
CA SER A 8 -4.30 5.49 -9.51
C SER A 8 -2.93 5.29 -8.88
N LEU A 9 -1.89 5.69 -9.60
CA LEU A 9 -0.53 5.54 -9.10
C LEU A 9 -0.44 6.02 -7.66
N ARG A 10 -1.41 6.82 -7.24
CA ARG A 10 -1.42 7.35 -5.87
C ARG A 10 -1.47 6.21 -4.86
N ARG A 11 -2.38 5.27 -5.07
CA ARG A 11 -2.51 4.13 -4.17
C ARG A 11 -1.21 3.34 -4.09
N GLU A 12 -0.58 3.15 -5.25
CA GLU A 12 0.67 2.42 -5.31
C GLU A 12 1.75 3.12 -4.49
N ILE A 13 1.88 4.43 -4.69
CA ILE A 13 2.88 5.20 -3.97
C ILE A 13 2.60 5.17 -2.47
N ALA A 14 1.33 5.35 -2.12
CA ALA A 14 0.93 5.34 -0.72
C ALA A 14 1.39 4.05 -0.05
N CYS A 15 0.67 2.98 -0.32
CA CYS A 15 0.99 1.68 0.25
C CYS A 15 2.50 1.42 0.15
N GLY A 16 3.11 1.91 -0.92
CA GLY A 16 4.54 1.73 -1.12
C GLY A 16 5.33 2.34 0.03
N GLN A 17 5.47 3.67 0.01
CA GLN A 17 6.20 4.37 1.05
C GLN A 17 5.84 3.80 2.43
N CYS A 18 4.54 3.65 2.67
CA CYS A 18 4.08 3.12 3.95
C CYS A 18 4.96 1.95 4.40
N ARG A 19 4.77 0.80 3.77
CA ARG A 19 5.56 -0.37 4.12
C ARG A 19 7.04 -0.08 4.03
N ASP A 20 7.40 0.89 3.20
CA ASP A 20 8.80 1.26 3.03
C ASP A 20 9.25 2.19 4.15
N LYS A 21 8.29 2.62 4.98
CA LYS A 21 8.61 3.51 6.07
C LYS A 21 8.67 2.74 7.38
N VAL A 22 7.94 1.63 7.42
CA VAL A 22 7.90 0.80 8.61
C VAL A 22 8.40 -0.61 8.30
N LYS A 23 7.78 -1.26 7.33
CA LYS A 23 8.18 -2.61 6.96
C LYS A 23 9.26 -2.58 5.89
N THR A 24 8.93 -3.03 4.69
CA THR A 24 9.87 -3.05 3.58
C THR A 24 9.15 -3.14 2.24
N ASP A 25 9.91 -3.12 1.16
CA ASP A 25 9.33 -3.22 -0.17
C ASP A 25 8.73 -4.60 -0.41
N GLY A 26 9.08 -5.54 0.47
CA GLY A 26 8.58 -6.90 0.36
C GLY A 26 7.10 -6.96 0.73
N TYR A 27 6.68 -6.07 1.61
CA TYR A 27 5.29 -6.02 2.06
C TYR A 27 4.48 -5.12 1.14
N PHE A 28 5.12 -4.06 0.63
CA PHE A 28 4.44 -3.13 -0.26
C PHE A 28 3.53 -3.87 -1.24
N TYR A 29 4.07 -4.90 -1.88
CA TYR A 29 3.30 -5.67 -2.84
C TYR A 29 2.14 -6.38 -2.14
N GLU A 30 2.43 -7.03 -1.02
CA GLU A 30 1.41 -7.75 -0.27
C GLU A 30 0.31 -6.80 0.19
N CYS A 31 0.68 -5.59 0.58
CA CYS A 31 -0.30 -4.61 1.04
C CYS A 31 -1.18 -4.14 -0.12
N CYS A 32 -0.56 -3.94 -1.28
CA CYS A 32 -1.30 -3.49 -2.46
C CYS A 32 -2.38 -4.51 -2.83
N THR A 33 -2.07 -5.79 -2.63
CA THR A 33 -3.02 -6.84 -2.95
C THR A 33 -4.03 -7.03 -1.83
N SER A 34 -3.59 -6.82 -0.60
CA SER A 34 -4.46 -6.95 0.56
C SER A 34 -5.15 -5.62 0.86
N ASP A 35 -6.35 -5.70 1.43
CA ASP A 35 -7.10 -4.49 1.77
C ASP A 35 -6.76 -4.02 3.18
N SER A 36 -7.03 -4.87 4.17
CA SER A 36 -6.75 -4.54 5.55
C SER A 36 -5.40 -3.85 5.68
N THR A 37 -4.34 -4.60 5.40
CA THR A 37 -2.98 -4.06 5.49
C THR A 37 -2.92 -2.69 4.81
N PHE A 38 -3.51 -2.59 3.63
CA PHE A 38 -3.52 -1.33 2.89
C PHE A 38 -4.36 -0.29 3.62
N LYS A 39 -5.38 -0.75 4.33
CA LYS A 39 -6.25 0.15 5.07
C LYS A 39 -5.51 0.81 6.22
N LYS A 40 -4.42 0.17 6.66
CA LYS A 40 -3.63 0.71 7.76
C LYS A 40 -2.55 1.65 7.23
N CYS A 41 -2.08 1.39 6.02
CA CYS A 41 -1.05 2.23 5.41
C CYS A 41 -1.59 3.63 5.14
N GLN A 42 -2.67 3.70 4.38
CA GLN A 42 -3.27 4.99 4.06
C GLN A 42 -3.52 5.79 5.33
N ASP A 43 -3.95 5.10 6.38
CA ASP A 43 -4.22 5.76 7.66
C ASP A 43 -3.02 6.58 8.10
N LEU A 44 -1.83 6.09 7.77
CA LEU A 44 -0.61 6.78 8.15
C LEU A 44 -0.30 7.87 7.13
N LEU A 45 -0.25 7.50 5.85
CA LEU A 45 0.04 8.46 4.80
C LEU A 45 -0.92 9.63 4.86
N HIS A 46 -2.20 9.34 4.93
CA HIS A 46 -3.21 10.39 4.99
C HIS A 46 -4.35 9.98 5.92
N ALA A 1 -12.71 -7.86 -10.56
CA ALA A 1 -12.03 -8.87 -9.69
C ALA A 1 -10.58 -8.47 -9.48
N ASP A 2 -10.22 -7.28 -9.97
CA ASP A 2 -8.85 -6.80 -9.83
C ASP A 2 -8.83 -5.27 -9.68
N ASN A 3 -8.44 -4.80 -8.51
CA ASN A 3 -8.37 -3.37 -8.25
C ASN A 3 -7.40 -3.07 -7.12
N LYS A 4 -6.13 -3.36 -7.34
CA LYS A 4 -5.10 -3.11 -6.34
C LYS A 4 -4.50 -1.72 -6.50
N CYS A 5 -3.18 -1.66 -6.56
CA CYS A 5 -2.49 -0.39 -6.71
C CYS A 5 -2.17 -0.12 -8.18
N GLU A 6 -2.89 -0.80 -9.07
CA GLU A 6 -2.67 -0.63 -10.50
C GLU A 6 -3.73 0.30 -11.09
N ASN A 7 -4.51 0.94 -10.22
CA ASN A 7 -5.56 1.85 -10.67
C ASN A 7 -5.06 3.29 -10.64
N SER A 8 -4.84 3.81 -9.43
CA SER A 8 -4.37 5.19 -9.27
C SER A 8 -3.00 5.20 -8.59
N LEU A 9 -2.17 6.15 -8.99
CA LEU A 9 -0.84 6.28 -8.41
C LEU A 9 -0.92 6.55 -6.91
N ARG A 10 -2.00 7.18 -6.49
CA ARG A 10 -2.19 7.49 -5.09
C ARG A 10 -2.08 6.23 -4.23
N ARG A 11 -2.49 5.11 -4.80
CA ARG A 11 -2.42 3.84 -4.10
C ARG A 11 -0.98 3.38 -3.94
N GLU A 12 -0.27 3.27 -5.06
CA GLU A 12 1.12 2.84 -5.04
C GLU A 12 1.92 3.70 -4.06
N ILE A 13 1.53 4.96 -3.92
CA ILE A 13 2.23 5.86 -3.01
C ILE A 13 1.90 5.50 -1.57
N ALA A 14 0.62 5.51 -1.25
CA ALA A 14 0.20 5.20 0.11
C ALA A 14 0.86 3.91 0.60
N CYS A 15 0.38 2.78 0.10
CA CYS A 15 0.92 1.49 0.48
C CYS A 15 2.45 1.48 0.33
N GLY A 16 2.93 2.19 -0.70
CA GLY A 16 4.35 2.25 -0.94
C GLY A 16 5.09 2.79 0.28
N GLN A 17 5.22 4.12 0.35
CA GLN A 17 5.89 4.76 1.47
C GLN A 17 5.66 3.99 2.77
N CYS A 18 4.41 3.60 3.00
CA CYS A 18 4.07 2.85 4.19
C CYS A 18 5.13 1.80 4.48
N ARG A 19 5.09 0.69 3.73
CA ARG A 19 6.05 -0.39 3.94
C ARG A 19 7.45 0.05 3.53
N ASP A 20 7.58 1.31 3.13
CA ASP A 20 8.87 1.84 2.72
C ASP A 20 9.47 2.71 3.82
N LYS A 21 8.73 2.89 4.91
CA LYS A 21 9.22 3.70 6.02
C LYS A 21 9.28 2.87 7.30
N VAL A 22 8.47 1.81 7.34
CA VAL A 22 8.43 0.94 8.51
C VAL A 22 9.03 -0.43 8.16
N LYS A 23 8.60 -0.99 7.04
CA LYS A 23 9.09 -2.29 6.61
C LYS A 23 9.97 -2.15 5.37
N THR A 24 9.62 -2.86 4.31
CA THR A 24 10.38 -2.80 3.07
C THR A 24 9.52 -3.18 1.87
N ASP A 25 10.15 -3.61 0.80
CA ASP A 25 9.43 -4.00 -0.41
C ASP A 25 8.68 -5.32 -0.18
N GLY A 26 9.38 -6.28 0.41
CA GLY A 26 8.77 -7.58 0.68
C GLY A 26 7.36 -7.43 1.24
N TYR A 27 7.17 -6.41 2.06
CA TYR A 27 5.87 -6.16 2.67
C TYR A 27 4.95 -5.41 1.69
N PHE A 28 5.51 -4.40 1.03
CA PHE A 28 4.75 -3.60 0.07
C PHE A 28 3.88 -4.51 -0.79
N TYR A 29 4.42 -5.66 -1.17
CA TYR A 29 3.68 -6.61 -2.00
C TYR A 29 2.33 -6.94 -1.36
N GLU A 30 2.36 -7.19 -0.06
CA GLU A 30 1.13 -7.51 0.67
C GLU A 30 0.22 -6.30 0.76
N CYS A 31 0.81 -5.12 0.93
CA CYS A 31 0.04 -3.89 1.04
C CYS A 31 -0.75 -3.64 -0.24
N CYS A 32 -0.15 -3.96 -1.38
CA CYS A 32 -0.81 -3.76 -2.67
C CYS A 32 -1.91 -4.80 -2.87
N THR A 33 -1.66 -6.02 -2.41
CA THR A 33 -2.64 -7.09 -2.55
C THR A 33 -3.73 -6.98 -1.50
N SER A 34 -3.33 -6.99 -0.23
CA SER A 34 -4.28 -6.89 0.86
C SER A 34 -4.85 -5.48 0.96
N ASP A 35 -6.17 -5.37 0.89
CA ASP A 35 -6.83 -4.07 0.98
C ASP A 35 -6.95 -3.62 2.43
N SER A 36 -7.24 -4.56 3.31
CA SER A 36 -7.38 -4.25 4.73
C SER A 36 -6.10 -3.60 5.26
N THR A 37 -4.99 -3.87 4.59
CA THR A 37 -3.70 -3.30 5.00
C THR A 37 -3.51 -1.92 4.39
N PHE A 38 -4.02 -1.73 3.18
CA PHE A 38 -3.89 -0.46 2.49
C PHE A 38 -4.61 0.65 3.27
N LYS A 39 -5.63 0.27 4.01
CA LYS A 39 -6.39 1.23 4.80
C LYS A 39 -5.62 1.63 6.05
N LYS A 40 -4.97 0.66 6.67
CA LYS A 40 -4.20 0.93 7.88
C LYS A 40 -2.86 1.56 7.53
N CYS A 41 -2.48 1.47 6.26
CA CYS A 41 -1.23 2.05 5.80
C CYS A 41 -1.41 3.51 5.44
N GLN A 42 -2.42 3.79 4.61
CA GLN A 42 -2.70 5.17 4.20
C GLN A 42 -2.92 6.06 5.41
N ASP A 43 -3.34 5.46 6.52
CA ASP A 43 -3.59 6.21 7.74
C ASP A 43 -2.31 6.83 8.26
N LEU A 44 -1.18 6.18 7.99
CA LEU A 44 0.11 6.67 8.45
C LEU A 44 0.54 7.89 7.64
N LEU A 45 0.35 7.81 6.34
CA LEU A 45 0.72 8.91 5.45
C LEU A 45 -0.42 9.90 5.35
N HIS A 46 -1.60 9.42 4.99
CA HIS A 46 -2.76 10.30 4.87
C HIS A 46 -4.05 9.50 5.02
N ALA A 1 -9.62 -10.19 -7.37
CA ALA A 1 -9.79 -8.84 -7.99
C ALA A 1 -8.42 -8.28 -8.35
N ASP A 2 -8.36 -7.50 -9.43
CA ASP A 2 -7.11 -6.90 -9.86
C ASP A 2 -7.08 -5.42 -9.54
N ASN A 3 -7.95 -5.00 -8.62
CA ASN A 3 -8.01 -3.60 -8.22
C ASN A 3 -7.05 -3.32 -7.07
N LYS A 4 -5.77 -3.62 -7.28
CA LYS A 4 -4.76 -3.40 -6.25
C LYS A 4 -4.27 -1.96 -6.27
N CYS A 5 -3.33 -1.64 -5.39
CA CYS A 5 -2.79 -0.29 -5.31
C CYS A 5 -1.95 0.02 -6.56
N GLU A 6 -2.38 -0.53 -7.70
CA GLU A 6 -1.67 -0.30 -8.95
C GLU A 6 -2.59 0.40 -9.95
N ASN A 7 -3.82 0.68 -9.52
CA ASN A 7 -4.79 1.34 -10.40
C ASN A 7 -4.49 2.85 -10.49
N SER A 8 -3.84 3.38 -9.46
CA SER A 8 -3.51 4.80 -9.43
C SER A 8 -2.23 5.03 -8.62
N LEU A 9 -1.59 6.17 -8.86
CA LEU A 9 -0.37 6.50 -8.15
C LEU A 9 -0.65 6.76 -6.67
N ARG A 10 -1.80 7.37 -6.40
CA ARG A 10 -2.18 7.67 -5.02
C ARG A 10 -2.00 6.44 -4.13
N ARG A 11 -2.71 5.37 -4.48
CA ARG A 11 -2.61 4.13 -3.71
C ARG A 11 -1.19 3.60 -3.70
N GLU A 12 -0.57 3.56 -4.88
CA GLU A 12 0.80 3.07 -5.01
C GLU A 12 1.70 3.74 -3.98
N ILE A 13 1.48 5.04 -3.76
CA ILE A 13 2.28 5.79 -2.81
C ILE A 13 1.92 5.40 -1.38
N ALA A 14 0.62 5.27 -1.12
CA ALA A 14 0.15 4.90 0.21
C ALA A 14 0.87 3.64 0.69
N CYS A 15 0.50 2.50 0.13
CA CYS A 15 1.11 1.23 0.50
C CYS A 15 2.63 1.33 0.41
N GLY A 16 3.12 2.07 -0.58
CA GLY A 16 4.55 2.24 -0.77
C GLY A 16 5.20 2.77 0.50
N GLN A 17 5.10 4.08 0.72
CA GLN A 17 5.68 4.70 1.91
C GLN A 17 5.52 3.79 3.12
N CYS A 18 4.34 3.16 3.22
CA CYS A 18 4.07 2.27 4.34
C CYS A 18 5.13 1.20 4.46
N ARG A 19 5.03 0.17 3.62
CA ARG A 19 5.98 -0.94 3.66
C ARG A 19 7.35 -0.48 3.22
N ASP A 20 7.52 0.83 3.06
CA ASP A 20 8.80 1.39 2.66
C ASP A 20 9.45 2.12 3.82
N LYS A 21 8.69 2.32 4.90
CA LYS A 21 9.22 3.01 6.07
C LYS A 21 9.36 2.03 7.24
N VAL A 22 8.71 0.87 7.11
CA VAL A 22 8.76 -0.14 8.15
C VAL A 22 9.34 -1.45 7.60
N LYS A 23 8.84 -1.87 6.43
CA LYS A 23 9.31 -3.09 5.81
C LYS A 23 10.14 -2.79 4.57
N THR A 24 9.82 -3.44 3.47
CA THR A 24 10.56 -3.24 2.23
C THR A 24 9.62 -3.36 1.03
N ASP A 25 10.20 -3.37 -0.17
CA ASP A 25 9.41 -3.48 -1.39
C ASP A 25 8.78 -4.86 -1.50
N GLY A 26 9.38 -5.84 -0.80
CA GLY A 26 8.86 -7.20 -0.83
C GLY A 26 7.49 -7.28 -0.16
N TYR A 27 7.28 -6.42 0.83
CA TYR A 27 6.01 -6.40 1.55
C TYR A 27 5.00 -5.53 0.82
N PHE A 28 5.47 -4.43 0.23
CA PHE A 28 4.60 -3.52 -0.49
C PHE A 28 3.55 -4.30 -1.29
N TYR A 29 3.93 -5.49 -1.75
CA TYR A 29 3.01 -6.33 -2.52
C TYR A 29 1.80 -6.70 -1.68
N GLU A 30 2.05 -7.30 -0.51
CA GLU A 30 0.96 -7.70 0.37
C GLU A 30 0.04 -6.53 0.68
N CYS A 31 0.62 -5.34 0.76
CA CYS A 31 -0.15 -4.13 1.04
C CYS A 31 -1.00 -3.74 -0.16
N CYS A 32 -0.47 -3.99 -1.36
CA CYS A 32 -1.18 -3.65 -2.58
C CYS A 32 -2.47 -4.48 -2.71
N THR A 33 -2.41 -5.70 -2.20
CA THR A 33 -3.58 -6.59 -2.27
C THR A 33 -4.38 -6.49 -0.97
N SER A 34 -3.70 -6.65 0.16
CA SER A 34 -4.36 -6.58 1.46
C SER A 34 -5.15 -5.27 1.58
N ASP A 35 -6.42 -5.40 1.95
CA ASP A 35 -7.28 -4.22 2.10
C ASP A 35 -7.04 -3.54 3.44
N SER A 36 -7.22 -4.31 4.52
CA SER A 36 -7.03 -3.78 5.86
C SER A 36 -5.72 -3.00 5.95
N THR A 37 -4.79 -3.30 5.05
CA THR A 37 -3.50 -2.63 5.04
C THR A 37 -3.62 -1.26 4.35
N PHE A 38 -3.99 -1.28 3.08
CA PHE A 38 -4.13 -0.04 2.31
C PHE A 38 -5.09 0.91 3.02
N LYS A 39 -6.02 0.35 3.77
CA LYS A 39 -6.99 1.16 4.49
C LYS A 39 -6.37 1.78 5.75
N LYS A 40 -5.47 1.04 6.36
CA LYS A 40 -4.80 1.52 7.57
C LYS A 40 -3.61 2.40 7.21
N CYS A 41 -2.92 2.04 6.14
CA CYS A 41 -1.76 2.82 5.70
C CYS A 41 -2.18 4.19 5.20
N GLN A 42 -3.04 4.21 4.19
CA GLN A 42 -3.54 5.46 3.63
C GLN A 42 -3.88 6.44 4.75
N ASP A 43 -4.50 5.93 5.80
CA ASP A 43 -4.87 6.76 6.94
C ASP A 43 -3.63 7.29 7.65
N LEU A 44 -2.56 6.49 7.64
CA LEU A 44 -1.31 6.88 8.29
C LEU A 44 -0.54 7.85 7.39
N LEU A 45 -0.39 7.48 6.12
CA LEU A 45 0.32 8.34 5.18
C LEU A 45 -0.31 9.72 5.11
N HIS A 46 -1.62 9.74 4.97
CA HIS A 46 -2.34 11.01 4.89
C HIS A 46 -1.59 12.02 4.02
N ALA A 1 -9.31 -10.73 -9.39
CA ALA A 1 -9.64 -9.29 -9.14
C ALA A 1 -8.36 -8.46 -9.25
N ASP A 2 -8.53 -7.14 -9.28
CA ASP A 2 -7.38 -6.24 -9.37
C ASP A 2 -7.68 -4.92 -8.68
N ASN A 3 -7.33 -3.82 -9.33
CA ASN A 3 -7.57 -2.50 -8.76
C ASN A 3 -6.91 -2.38 -7.39
N LYS A 4 -5.58 -2.27 -7.39
CA LYS A 4 -4.83 -2.15 -6.14
C LYS A 4 -3.82 -1.01 -6.22
N CYS A 5 -2.54 -1.36 -6.13
CA CYS A 5 -1.47 -0.36 -6.20
C CYS A 5 -1.24 0.07 -7.65
N GLU A 6 -2.23 -0.19 -8.50
CA GLU A 6 -2.12 0.17 -9.90
C GLU A 6 -3.38 0.92 -10.36
N ASN A 7 -4.28 1.19 -9.42
CA ASN A 7 -5.51 1.91 -9.73
C ASN A 7 -5.25 3.40 -9.82
N SER A 8 -4.58 3.95 -8.82
CA SER A 8 -4.27 5.37 -8.80
C SER A 8 -2.91 5.60 -8.17
N LEU A 9 -2.29 6.74 -8.51
CA LEU A 9 -0.98 7.07 -7.97
C LEU A 9 -1.02 7.13 -6.45
N ARG A 10 -2.10 7.67 -5.91
CA ARG A 10 -2.25 7.78 -4.46
C ARG A 10 -2.09 6.40 -3.81
N ARG A 11 -2.79 5.41 -4.37
CA ARG A 11 -2.72 4.06 -3.82
C ARG A 11 -1.28 3.56 -3.80
N GLU A 12 -0.62 3.62 -4.95
CA GLU A 12 0.76 3.17 -5.05
C GLU A 12 1.63 3.86 -4.01
N ILE A 13 1.43 5.17 -3.86
CA ILE A 13 2.21 5.93 -2.89
C ILE A 13 1.85 5.49 -1.48
N ALA A 14 0.57 5.40 -1.19
CA ALA A 14 0.11 4.98 0.12
C ALA A 14 0.88 3.77 0.59
N CYS A 15 0.53 2.61 0.04
CA CYS A 15 1.18 1.36 0.40
C CYS A 15 2.69 1.48 0.22
N GLY A 16 3.10 2.29 -0.74
CA GLY A 16 4.52 2.51 -1.00
C GLY A 16 5.21 3.06 0.23
N GLN A 17 5.19 4.39 0.37
CA GLN A 17 5.81 5.05 1.52
C GLN A 17 5.60 4.22 2.78
N CYS A 18 4.38 3.69 2.92
CA CYS A 18 4.05 2.86 4.08
C CYS A 18 5.09 1.77 4.29
N ARG A 19 4.95 0.68 3.55
CA ARG A 19 5.88 -0.45 3.70
C ARG A 19 7.21 -0.16 3.03
N ASP A 20 7.48 1.12 2.76
CA ASP A 20 8.72 1.51 2.12
C ASP A 20 9.56 2.33 3.08
N LYS A 21 8.96 2.73 4.21
CA LYS A 21 9.68 3.53 5.21
C LYS A 21 9.87 2.70 6.48
N VAL A 22 8.97 1.75 6.71
CA VAL A 22 9.07 0.89 7.88
C VAL A 22 9.52 -0.51 7.50
N LYS A 23 8.66 -1.25 6.82
CA LYS A 23 8.98 -2.61 6.39
C LYS A 23 9.84 -2.58 5.13
N THR A 24 9.48 -3.41 4.17
CA THR A 24 10.22 -3.49 2.91
C THR A 24 9.29 -3.74 1.73
N ASP A 25 9.84 -4.24 0.64
CA ASP A 25 9.05 -4.52 -0.55
C ASP A 25 8.11 -5.71 -0.31
N GLY A 26 8.61 -6.74 0.34
CA GLY A 26 7.81 -7.92 0.62
C GLY A 26 6.45 -7.52 1.19
N TYR A 27 6.47 -6.60 2.14
CA TYR A 27 5.23 -6.14 2.76
C TYR A 27 4.40 -5.32 1.77
N PHE A 28 5.06 -4.41 1.06
CA PHE A 28 4.38 -3.58 0.09
C PHE A 28 3.49 -4.42 -0.82
N TYR A 29 4.03 -5.56 -1.27
CA TYR A 29 3.26 -6.44 -2.13
C TYR A 29 2.09 -7.05 -1.38
N GLU A 30 2.36 -7.52 -0.16
CA GLU A 30 1.31 -8.12 0.65
C GLU A 30 0.18 -7.13 0.91
N CYS A 31 0.54 -5.86 1.13
CA CYS A 31 -0.45 -4.84 1.40
C CYS A 31 -1.21 -4.50 0.12
N CYS A 32 -0.48 -4.34 -0.98
CA CYS A 32 -1.10 -4.02 -2.25
C CYS A 32 -2.25 -4.99 -2.55
N THR A 33 -2.06 -6.24 -2.18
CA THR A 33 -3.09 -7.26 -2.41
C THR A 33 -4.15 -7.21 -1.32
N SER A 34 -3.71 -7.12 -0.07
CA SER A 34 -4.64 -7.06 1.05
C SER A 34 -5.30 -5.69 1.13
N ASP A 35 -6.55 -5.65 1.58
CA ASP A 35 -7.28 -4.40 1.70
C ASP A 35 -7.08 -3.79 3.09
N SER A 36 -7.42 -4.57 4.11
CA SER A 36 -7.29 -4.10 5.49
C SER A 36 -5.98 -3.33 5.68
N THR A 37 -4.89 -3.91 5.18
CA THR A 37 -3.58 -3.27 5.30
C THR A 37 -3.57 -1.94 4.53
N PHE A 38 -3.90 -2.01 3.25
CA PHE A 38 -3.93 -0.82 2.42
C PHE A 38 -4.71 0.30 3.10
N LYS A 39 -5.64 -0.09 3.97
CA LYS A 39 -6.47 0.89 4.68
C LYS A 39 -5.72 1.42 5.90
N LYS A 40 -4.91 0.57 6.51
CA LYS A 40 -4.14 0.97 7.69
C LYS A 40 -2.86 1.68 7.28
N CYS A 41 -2.47 1.53 6.02
CA CYS A 41 -1.27 2.18 5.52
C CYS A 41 -1.59 3.61 5.08
N GLN A 42 -2.59 3.75 4.21
CA GLN A 42 -2.98 5.07 3.73
C GLN A 42 -3.24 6.01 4.89
N ASP A 43 -3.62 5.43 6.03
CA ASP A 43 -3.90 6.23 7.23
C ASP A 43 -2.65 6.98 7.68
N LEU A 44 -1.50 6.38 7.42
CA LEU A 44 -0.23 7.01 7.81
C LEU A 44 0.11 8.17 6.88
N LEU A 45 -0.11 7.97 5.59
CA LEU A 45 0.18 8.99 4.60
C LEU A 45 -1.05 9.88 4.39
N HIS A 46 -2.09 9.32 3.79
CA HIS A 46 -3.30 10.08 3.55
C HIS A 46 -4.50 9.15 3.38
N ALA A 1 -9.51 -9.59 -11.91
CA ALA A 1 -9.59 -8.13 -12.19
C ALA A 1 -10.19 -7.43 -10.97
N ASP A 2 -9.35 -6.68 -10.26
CA ASP A 2 -9.80 -5.95 -9.08
C ASP A 2 -9.35 -4.49 -9.15
N ASN A 3 -8.86 -3.98 -8.02
CA ASN A 3 -8.40 -2.60 -7.96
C ASN A 3 -7.43 -2.41 -6.80
N LYS A 4 -6.19 -2.86 -6.98
CA LYS A 4 -5.17 -2.73 -5.95
C LYS A 4 -4.01 -1.87 -6.45
N CYS A 5 -2.86 -2.51 -6.67
CA CYS A 5 -1.69 -1.79 -7.15
C CYS A 5 -1.85 -1.40 -8.62
N GLU A 6 -3.02 -1.71 -9.18
CA GLU A 6 -3.30 -1.39 -10.58
C GLU A 6 -4.37 -0.32 -10.67
N ASN A 7 -4.69 0.31 -9.55
CA ASN A 7 -5.71 1.35 -9.52
C ASN A 7 -5.11 2.69 -9.96
N SER A 8 -4.44 3.37 -9.03
CA SER A 8 -3.83 4.66 -9.33
C SER A 8 -2.49 4.80 -8.60
N LEU A 9 -1.72 5.81 -8.99
CA LEU A 9 -0.42 6.05 -8.38
C LEU A 9 -0.58 6.34 -6.89
N ARG A 10 -1.56 7.15 -6.54
CA ARG A 10 -1.81 7.48 -5.14
C ARG A 10 -1.80 6.23 -4.27
N ARG A 11 -2.52 5.21 -4.72
CA ARG A 11 -2.59 3.95 -3.98
C ARG A 11 -1.20 3.31 -3.88
N GLU A 12 -0.50 3.27 -5.01
CA GLU A 12 0.83 2.67 -5.05
C GLU A 12 1.77 3.39 -4.08
N ILE A 13 1.68 4.72 -4.04
CA ILE A 13 2.53 5.50 -3.16
C ILE A 13 2.15 5.26 -1.71
N ALA A 14 0.86 5.29 -1.44
CA ALA A 14 0.37 5.07 -0.10
C ALA A 14 0.97 3.81 0.51
N CYS A 15 0.44 2.67 0.10
CA CYS A 15 0.92 1.39 0.59
C CYS A 15 2.45 1.33 0.49
N GLY A 16 2.99 1.97 -0.54
CA GLY A 16 4.43 1.97 -0.75
C GLY A 16 5.15 2.59 0.45
N GLN A 17 5.22 3.93 0.47
CA GLN A 17 5.88 4.65 1.55
C GLN A 17 5.66 3.93 2.88
N CYS A 18 4.42 3.55 3.13
CA CYS A 18 4.07 2.85 4.36
C CYS A 18 5.09 1.74 4.63
N ARG A 19 5.13 0.74 3.78
CA ARG A 19 6.06 -0.37 3.98
C ARG A 19 7.48 0.03 3.57
N ASP A 20 7.64 1.29 3.21
CA ASP A 20 8.95 1.78 2.81
C ASP A 20 9.61 2.57 3.93
N LYS A 21 8.86 2.82 5.01
CA LYS A 21 9.40 3.57 6.14
C LYS A 21 9.48 2.68 7.38
N VAL A 22 9.04 1.44 7.23
CA VAL A 22 9.07 0.50 8.34
C VAL A 22 9.50 -0.88 7.84
N LYS A 23 8.82 -1.40 6.82
CA LYS A 23 9.16 -2.70 6.27
C LYS A 23 10.06 -2.56 5.05
N THR A 24 9.78 -3.34 4.02
CA THR A 24 10.58 -3.30 2.80
C THR A 24 9.70 -3.49 1.57
N ASP A 25 10.31 -3.76 0.44
CA ASP A 25 9.58 -3.97 -0.80
C ASP A 25 8.72 -5.22 -0.71
N GLY A 26 9.36 -6.35 -0.39
CA GLY A 26 8.65 -7.61 -0.28
C GLY A 26 7.40 -7.47 0.58
N TYR A 27 7.39 -6.45 1.44
CA TYR A 27 6.24 -6.21 2.31
C TYR A 27 5.19 -5.38 1.58
N PHE A 28 5.62 -4.27 1.00
CA PHE A 28 4.71 -3.39 0.27
C PHE A 28 3.83 -4.21 -0.68
N TYR A 29 4.40 -5.26 -1.24
CA TYR A 29 3.66 -6.12 -2.16
C TYR A 29 2.35 -6.58 -1.52
N GLU A 30 2.42 -6.97 -0.25
CA GLU A 30 1.24 -7.42 0.46
C GLU A 30 0.30 -6.26 0.76
N CYS A 31 0.89 -5.11 1.08
CA CYS A 31 0.10 -3.92 1.39
C CYS A 31 -0.84 -3.59 0.23
N CYS A 32 -0.36 -3.83 -0.99
CA CYS A 32 -1.17 -3.54 -2.18
C CYS A 32 -2.21 -4.64 -2.39
N THR A 33 -1.80 -5.88 -2.20
CA THR A 33 -2.71 -7.01 -2.38
C THR A 33 -3.62 -7.17 -1.16
N SER A 34 -3.24 -6.52 -0.06
CA SER A 34 -4.03 -6.60 1.16
C SER A 34 -4.88 -5.35 1.33
N ASP A 35 -6.15 -5.55 1.66
CA ASP A 35 -7.07 -4.43 1.85
C ASP A 35 -6.94 -3.86 3.26
N SER A 36 -7.18 -4.70 4.26
CA SER A 36 -7.09 -4.27 5.65
C SER A 36 -5.87 -3.39 5.85
N THR A 37 -4.79 -3.71 5.16
CA THR A 37 -3.56 -2.93 5.28
C THR A 37 -3.72 -1.56 4.61
N PHE A 38 -4.09 -1.58 3.33
CA PHE A 38 -4.27 -0.34 2.58
C PHE A 38 -5.08 0.66 3.39
N LYS A 39 -6.08 0.16 4.11
CA LYS A 39 -6.93 1.03 4.92
C LYS A 39 -6.15 1.59 6.11
N LYS A 40 -5.21 0.80 6.63
CA LYS A 40 -4.41 1.24 7.77
C LYS A 40 -3.26 2.12 7.31
N CYS A 41 -2.79 1.87 6.09
CA CYS A 41 -1.69 2.65 5.54
C CYS A 41 -2.14 4.08 5.24
N GLN A 42 -3.09 4.22 4.32
CA GLN A 42 -3.59 5.54 3.95
C GLN A 42 -3.75 6.41 5.19
N ASP A 43 -4.22 5.80 6.28
CA ASP A 43 -4.41 6.52 7.53
C ASP A 43 -3.09 7.09 8.03
N LEU A 44 -2.01 6.33 7.84
CA LEU A 44 -0.70 6.76 8.27
C LEU A 44 -0.18 7.88 7.36
N LEU A 45 -0.21 7.63 6.06
CA LEU A 45 0.26 8.62 5.11
C LEU A 45 -0.58 9.90 5.22
N HIS A 46 -1.88 9.75 5.15
CA HIS A 46 -2.77 10.90 5.25
C HIS A 46 -2.73 11.49 6.65
N ALA A 1 -11.67 -8.87 -5.99
CA ALA A 1 -11.42 -7.41 -6.09
C ALA A 1 -10.22 -7.16 -7.01
N ASP A 2 -10.14 -5.95 -7.54
CA ASP A 2 -9.04 -5.59 -8.43
C ASP A 2 -8.67 -4.13 -8.28
N ASN A 3 -7.77 -3.84 -7.35
CA ASN A 3 -7.34 -2.47 -7.11
C ASN A 3 -6.09 -2.44 -6.24
N LYS A 4 -4.93 -2.54 -6.89
CA LYS A 4 -3.65 -2.53 -6.17
C LYS A 4 -2.83 -1.31 -6.56
N CYS A 5 -1.53 -1.53 -6.75
CA CYS A 5 -0.64 -0.43 -7.12
C CYS A 5 -0.84 -0.07 -8.59
N GLU A 6 -1.79 -0.73 -9.24
CA GLU A 6 -2.07 -0.46 -10.65
C GLU A 6 -3.33 0.39 -10.79
N ASN A 7 -3.93 0.74 -9.65
CA ASN A 7 -5.14 1.55 -9.67
C ASN A 7 -4.80 3.03 -9.86
N SER A 8 -4.03 3.58 -8.93
CA SER A 8 -3.64 4.97 -9.00
C SER A 8 -2.30 5.20 -8.29
N LEU A 9 -1.59 6.24 -8.70
CA LEU A 9 -0.30 6.56 -8.09
C LEU A 9 -0.48 6.85 -6.61
N ARG A 10 -1.61 7.44 -6.25
CA ARG A 10 -1.90 7.77 -4.86
C ARG A 10 -1.86 6.51 -4.00
N ARG A 11 -2.51 5.45 -4.46
CA ARG A 11 -2.54 4.19 -3.73
C ARG A 11 -1.14 3.58 -3.65
N GLU A 12 -0.41 3.66 -4.76
CA GLU A 12 0.94 3.11 -4.80
C GLU A 12 1.83 3.78 -3.78
N ILE A 13 1.81 5.11 -3.75
CA ILE A 13 2.63 5.87 -2.81
C ILE A 13 2.23 5.53 -1.38
N ALA A 14 0.93 5.59 -1.11
CA ALA A 14 0.43 5.27 0.22
C ALA A 14 1.06 3.99 0.74
N CYS A 15 0.56 2.86 0.26
CA CYS A 15 1.09 1.56 0.68
C CYS A 15 2.61 1.52 0.54
N GLY A 16 3.11 2.15 -0.52
CA GLY A 16 4.55 2.18 -0.75
C GLY A 16 5.29 2.65 0.49
N GLN A 17 5.43 3.97 0.63
CA GLN A 17 6.13 4.54 1.79
C GLN A 17 5.72 3.81 3.06
N CYS A 18 4.43 3.59 3.23
CA CYS A 18 3.92 2.92 4.41
C CYS A 18 4.78 1.72 4.76
N ARG A 19 5.18 0.96 3.74
CA ARG A 19 6.00 -0.23 3.95
C ARG A 19 7.44 0.02 3.50
N ASP A 20 7.68 1.21 2.95
CA ASP A 20 9.01 1.57 2.48
C ASP A 20 9.75 2.37 3.55
N LYS A 21 9.04 2.70 4.63
CA LYS A 21 9.64 3.47 5.72
C LYS A 21 9.79 2.60 6.97
N VAL A 22 9.18 1.42 6.93
CA VAL A 22 9.25 0.49 8.05
C VAL A 22 9.67 -0.89 7.59
N LYS A 23 9.10 -1.34 6.48
CA LYS A 23 9.43 -2.65 5.93
C LYS A 23 10.22 -2.51 4.63
N THR A 24 9.92 -3.37 3.67
CA THR A 24 10.61 -3.34 2.38
C THR A 24 9.61 -3.44 1.24
N ASP A 25 10.09 -3.82 0.06
CA ASP A 25 9.24 -3.94 -1.12
C ASP A 25 8.26 -5.10 -0.95
N GLY A 26 8.78 -6.24 -0.52
CA GLY A 26 7.94 -7.42 -0.33
C GLY A 26 6.68 -7.08 0.45
N TYR A 27 6.85 -6.33 1.53
CA TYR A 27 5.72 -5.95 2.37
C TYR A 27 4.77 -5.04 1.60
N PHE A 28 5.33 -4.04 0.92
CA PHE A 28 4.53 -3.10 0.14
C PHE A 28 3.58 -3.87 -0.78
N TYR A 29 4.09 -4.94 -1.39
CA TYR A 29 3.29 -5.74 -2.30
C TYR A 29 2.18 -6.47 -1.55
N GLU A 30 2.52 -7.05 -0.40
CA GLU A 30 1.55 -7.78 0.40
C GLU A 30 0.31 -6.91 0.64
N CYS A 31 0.52 -5.66 1.06
CA CYS A 31 -0.57 -4.76 1.33
C CYS A 31 -1.27 -4.37 0.04
N CYS A 32 -0.49 -4.06 -0.99
CA CYS A 32 -1.05 -3.67 -2.28
C CYS A 32 -2.11 -4.67 -2.72
N THR A 33 -1.86 -5.95 -2.45
CA THR A 33 -2.81 -6.99 -2.83
C THR A 33 -3.95 -7.07 -1.83
N SER A 34 -3.61 -7.01 -0.54
CA SER A 34 -4.61 -7.08 0.51
C SER A 34 -5.36 -5.75 0.61
N ASP A 35 -6.62 -5.83 1.04
CA ASP A 35 -7.44 -4.63 1.19
C ASP A 35 -7.30 -4.04 2.59
N SER A 36 -7.68 -4.84 3.59
CA SER A 36 -7.59 -4.39 4.97
C SER A 36 -6.29 -3.63 5.21
N THR A 37 -5.17 -4.33 5.09
CA THR A 37 -3.86 -3.71 5.29
C THR A 37 -3.82 -2.32 4.64
N PHE A 38 -4.07 -2.27 3.34
CA PHE A 38 -4.06 -1.01 2.61
C PHE A 38 -4.97 0.00 3.29
N LYS A 39 -6.03 -0.49 3.92
CA LYS A 39 -6.97 0.39 4.60
C LYS A 39 -6.33 1.03 5.82
N LYS A 40 -5.30 0.37 6.35
CA LYS A 40 -4.60 0.89 7.53
C LYS A 40 -3.45 1.80 7.10
N CYS A 41 -2.73 1.39 6.07
CA CYS A 41 -1.60 2.18 5.58
C CYS A 41 -2.07 3.54 5.09
N GLN A 42 -3.04 3.55 4.20
CA GLN A 42 -3.58 4.80 3.66
C GLN A 42 -3.89 5.77 4.79
N ASP A 43 -4.43 5.25 5.87
CA ASP A 43 -4.78 6.10 7.02
C ASP A 43 -3.55 6.85 7.52
N LEU A 44 -2.38 6.25 7.30
CA LEU A 44 -1.13 6.88 7.73
C LEU A 44 -0.69 7.94 6.72
N LEU A 45 -0.51 7.53 5.48
CA LEU A 45 -0.08 8.46 4.44
C LEU A 45 -1.22 9.38 4.04
N HIS A 46 -2.31 8.79 3.57
CA HIS A 46 -3.47 9.57 3.16
C HIS A 46 -4.66 8.65 2.91
N ALA A 1 -10.53 -10.60 -7.71
CA ALA A 1 -9.66 -9.42 -7.52
C ALA A 1 -9.02 -9.03 -8.86
N ASP A 2 -9.12 -7.75 -9.21
CA ASP A 2 -8.55 -7.27 -10.46
C ASP A 2 -8.34 -5.76 -10.41
N ASN A 3 -7.90 -5.27 -9.26
CA ASN A 3 -7.67 -3.84 -9.10
C ASN A 3 -6.88 -3.57 -7.82
N LYS A 4 -5.60 -3.26 -7.98
CA LYS A 4 -4.73 -2.98 -6.84
C LYS A 4 -3.67 -1.95 -7.20
N CYS A 5 -2.44 -2.42 -7.41
CA CYS A 5 -1.34 -1.53 -7.77
C CYS A 5 -1.59 -0.90 -9.13
N GLU A 6 -2.76 -1.17 -9.70
CA GLU A 6 -3.10 -0.62 -11.01
C GLU A 6 -4.21 0.41 -10.88
N ASN A 7 -4.47 0.86 -9.66
CA ASN A 7 -5.50 1.85 -9.41
C ASN A 7 -4.99 3.25 -9.73
N SER A 8 -4.40 3.90 -8.73
CA SER A 8 -3.88 5.25 -8.92
C SER A 8 -2.53 5.39 -8.22
N LEU A 9 -1.77 6.40 -8.62
CA LEU A 9 -0.47 6.65 -8.04
C LEU A 9 -0.59 6.96 -6.55
N ARG A 10 -1.64 7.69 -6.19
CA ARG A 10 -1.86 8.06 -4.80
C ARG A 10 -1.84 6.82 -3.91
N ARG A 11 -2.83 5.95 -4.08
CA ARG A 11 -2.93 4.73 -3.29
C ARG A 11 -1.59 3.99 -3.30
N GLU A 12 -0.99 3.88 -4.48
CA GLU A 12 0.29 3.18 -4.60
C GLU A 12 1.35 3.83 -3.73
N ILE A 13 1.54 5.14 -3.90
CA ILE A 13 2.53 5.87 -3.12
C ILE A 13 2.25 5.70 -1.63
N ALA A 14 0.97 5.73 -1.27
CA ALA A 14 0.58 5.58 0.13
C ALA A 14 1.20 4.32 0.73
N CYS A 15 0.71 3.17 0.29
CA CYS A 15 1.22 1.89 0.78
C CYS A 15 2.71 1.74 0.45
N GLY A 16 3.13 2.40 -0.63
CA GLY A 16 4.52 2.33 -1.06
C GLY A 16 5.45 2.88 0.02
N GLN A 17 5.43 4.20 0.19
CA GLN A 17 6.26 4.85 1.19
C GLN A 17 6.01 4.25 2.57
N CYS A 18 4.75 3.89 2.82
CA CYS A 18 4.39 3.31 4.11
C CYS A 18 5.28 2.13 4.47
N ARG A 19 4.99 0.97 3.90
CA ARG A 19 5.77 -0.22 4.19
C ARG A 19 7.25 0.00 3.93
N ASP A 20 7.55 0.91 3.02
CA ASP A 20 8.93 1.22 2.68
C ASP A 20 9.58 2.08 3.77
N LYS A 21 8.75 2.57 4.68
CA LYS A 21 9.25 3.40 5.78
C LYS A 21 9.41 2.56 7.04
N VAL A 22 8.58 1.53 7.15
CA VAL A 22 8.64 0.64 8.32
C VAL A 22 9.10 -0.75 7.92
N LYS A 23 8.32 -1.41 7.08
CA LYS A 23 8.67 -2.75 6.63
C LYS A 23 9.62 -2.69 5.43
N THR A 24 9.24 -3.33 4.34
CA THR A 24 10.06 -3.35 3.14
C THR A 24 9.20 -3.43 1.88
N ASP A 25 9.83 -3.68 0.75
CA ASP A 25 9.10 -3.77 -0.51
C ASP A 25 8.18 -4.98 -0.51
N GLY A 26 8.65 -6.09 0.04
CA GLY A 26 7.86 -7.31 0.11
C GLY A 26 6.49 -7.03 0.74
N TYR A 27 6.49 -6.22 1.78
CA TYR A 27 5.25 -5.89 2.47
C TYR A 27 4.37 -5.01 1.58
N PHE A 28 4.99 -4.02 0.94
CA PHE A 28 4.24 -3.12 0.06
C PHE A 28 3.36 -3.92 -0.89
N TYR A 29 3.93 -4.93 -1.54
CA TYR A 29 3.18 -5.76 -2.46
C TYR A 29 2.03 -6.47 -1.74
N GLU A 30 2.36 -7.09 -0.60
CA GLU A 30 1.34 -7.79 0.19
C GLU A 30 0.14 -6.88 0.44
N CYS A 31 0.41 -5.61 0.70
CA CYS A 31 -0.66 -4.66 0.95
C CYS A 31 -1.46 -4.41 -0.32
N CYS A 32 -0.79 -3.96 -1.37
CA CYS A 32 -1.47 -3.70 -2.63
C CYS A 32 -2.53 -4.75 -2.92
N THR A 33 -2.24 -5.99 -2.53
CA THR A 33 -3.18 -7.09 -2.73
C THR A 33 -4.28 -7.07 -1.68
N SER A 34 -3.87 -6.88 -0.42
CA SER A 34 -4.83 -6.84 0.67
C SER A 34 -5.44 -5.45 0.82
N ASP A 35 -6.68 -5.39 1.29
CA ASP A 35 -7.34 -4.11 1.48
C ASP A 35 -7.10 -3.59 2.90
N SER A 36 -7.54 -4.36 3.89
CA SER A 36 -7.37 -3.97 5.28
C SER A 36 -6.00 -3.32 5.50
N THR A 37 -4.95 -4.08 5.19
CA THR A 37 -3.59 -3.58 5.36
C THR A 37 -3.46 -2.17 4.78
N PHE A 38 -3.80 -2.03 3.51
CA PHE A 38 -3.72 -0.74 2.85
C PHE A 38 -4.51 0.32 3.63
N LYS A 39 -5.53 -0.13 4.34
CA LYS A 39 -6.35 0.77 5.13
C LYS A 39 -5.59 1.30 6.35
N LYS A 40 -4.55 0.57 6.73
CA LYS A 40 -3.74 0.96 7.88
C LYS A 40 -2.60 1.86 7.44
N CYS A 41 -2.07 1.61 6.24
CA CYS A 41 -0.97 2.41 5.72
C CYS A 41 -1.48 3.77 5.23
N GLN A 42 -2.65 3.77 4.60
CA GLN A 42 -3.23 5.01 4.10
C GLN A 42 -3.34 6.04 5.23
N ASP A 43 -3.58 5.55 6.44
CA ASP A 43 -3.71 6.43 7.59
C ASP A 43 -2.34 7.03 7.95
N LEU A 44 -1.29 6.28 7.66
CA LEU A 44 0.06 6.74 7.96
C LEU A 44 0.42 7.92 7.08
N LEU A 45 0.27 7.75 5.77
CA LEU A 45 0.58 8.82 4.82
C LEU A 45 -0.50 9.87 4.82
N HIS A 46 -1.75 9.42 4.74
CA HIS A 46 -2.88 10.34 4.72
C HIS A 46 -2.60 11.52 3.81
N ALA A 1 -5.04 -7.32 -10.97
CA ALA A 1 -6.31 -7.95 -11.41
C ALA A 1 -7.49 -7.21 -10.79
N ASP A 2 -7.31 -6.76 -9.55
CA ASP A 2 -8.38 -6.03 -8.86
C ASP A 2 -8.01 -4.56 -8.73
N ASN A 3 -8.33 -3.96 -7.59
CA ASN A 3 -8.03 -2.56 -7.35
C ASN A 3 -6.83 -2.42 -6.41
N LYS A 4 -5.64 -2.66 -6.97
CA LYS A 4 -4.41 -2.56 -6.18
C LYS A 4 -3.52 -1.45 -6.71
N CYS A 5 -2.27 -1.78 -6.99
CA CYS A 5 -1.32 -0.81 -7.51
C CYS A 5 -1.58 -0.55 -8.98
N GLU A 6 -2.73 -0.99 -9.47
CA GLU A 6 -3.09 -0.79 -10.87
C GLU A 6 -4.27 0.17 -10.99
N ASN A 7 -4.78 0.62 -9.84
CA ASN A 7 -5.92 1.54 -9.84
C ASN A 7 -5.43 2.97 -10.10
N SER A 8 -4.70 3.53 -9.15
CA SER A 8 -4.18 4.89 -9.31
C SER A 8 -2.82 5.03 -8.61
N LEU A 9 -2.07 6.06 -8.99
CA LEU A 9 -0.76 6.29 -8.40
C LEU A 9 -0.89 6.54 -6.90
N ARG A 10 -1.96 7.23 -6.51
CA ARG A 10 -2.19 7.53 -5.10
C ARG A 10 -2.13 6.25 -4.26
N ARG A 11 -2.76 5.19 -4.77
CA ARG A 11 -2.77 3.92 -4.06
C ARG A 11 -1.39 3.28 -4.07
N GLU A 12 -0.71 3.39 -5.20
CA GLU A 12 0.63 2.82 -5.33
C GLU A 12 1.59 3.48 -4.35
N ILE A 13 1.49 4.80 -4.22
CA ILE A 13 2.36 5.53 -3.31
C ILE A 13 1.94 5.30 -1.86
N ALA A 14 0.64 5.30 -1.63
CA ALA A 14 0.11 5.09 -0.29
C ALA A 14 0.70 3.82 0.32
N CYS A 15 0.26 2.67 -0.18
CA CYS A 15 0.74 1.39 0.31
C CYS A 15 2.27 1.30 0.17
N GLY A 16 2.80 1.94 -0.87
CA GLY A 16 4.23 1.94 -1.10
C GLY A 16 4.98 2.52 0.10
N GLN A 17 5.11 3.85 0.10
CA GLN A 17 5.80 4.54 1.20
C GLN A 17 5.55 3.84 2.52
N CYS A 18 4.30 3.52 2.79
CA CYS A 18 3.93 2.84 4.02
C CYS A 18 4.94 1.74 4.35
N ARG A 19 4.90 0.65 3.60
CA ARG A 19 5.79 -0.47 3.82
C ARG A 19 7.22 -0.11 3.45
N ASP A 20 7.41 1.12 3.00
CA ASP A 20 8.74 1.58 2.60
C ASP A 20 9.41 2.36 3.72
N LYS A 21 8.64 2.70 4.76
CA LYS A 21 9.16 3.44 5.89
C LYS A 21 9.22 2.58 7.13
N VAL A 22 8.36 1.55 7.17
CA VAL A 22 8.32 0.65 8.31
C VAL A 22 8.83 -0.73 7.91
N LYS A 23 8.27 -1.28 6.83
CA LYS A 23 8.68 -2.60 6.35
C LYS A 23 9.64 -2.46 5.18
N THR A 24 9.30 -3.10 4.07
CA THR A 24 10.13 -3.05 2.88
C THR A 24 9.30 -3.25 1.62
N ASP A 25 9.95 -3.32 0.47
CA ASP A 25 9.26 -3.52 -0.80
C ASP A 25 8.62 -4.91 -0.84
N GLY A 26 9.02 -5.77 0.08
CA GLY A 26 8.48 -7.13 0.13
C GLY A 26 7.06 -7.11 0.68
N TYR A 27 6.89 -6.52 1.86
CA TYR A 27 5.56 -6.44 2.48
C TYR A 27 4.61 -5.61 1.62
N PHE A 28 5.15 -4.57 0.98
CA PHE A 28 4.33 -3.71 0.14
C PHE A 28 3.36 -4.54 -0.70
N TYR A 29 3.75 -5.77 -1.01
CA TYR A 29 2.90 -6.65 -1.80
C TYR A 29 1.59 -6.90 -1.08
N GLU A 30 1.67 -7.30 0.18
CA GLU A 30 0.48 -7.58 0.97
C GLU A 30 -0.36 -6.31 1.13
N CYS A 31 0.31 -5.16 1.08
CA CYS A 31 -0.38 -3.89 1.23
C CYS A 31 -1.25 -3.60 0.02
N CYS A 32 -0.75 -3.96 -1.16
CA CYS A 32 -1.49 -3.74 -2.39
C CYS A 32 -2.63 -4.75 -2.52
N THR A 33 -2.37 -5.98 -2.09
CA THR A 33 -3.38 -7.04 -2.17
C THR A 33 -4.36 -6.93 -1.00
N SER A 34 -3.84 -7.04 0.22
CA SER A 34 -4.69 -6.96 1.40
C SER A 34 -5.36 -5.59 1.48
N ASP A 35 -6.64 -5.60 1.83
CA ASP A 35 -7.39 -4.35 1.95
C ASP A 35 -7.29 -3.78 3.36
N SER A 36 -7.44 -4.66 4.35
CA SER A 36 -7.37 -4.23 5.75
C SER A 36 -6.04 -3.55 6.03
N THR A 37 -5.04 -3.84 5.20
CA THR A 37 -3.71 -3.25 5.38
C THR A 37 -3.65 -1.88 4.72
N PHE A 38 -4.22 -1.77 3.53
CA PHE A 38 -4.22 -0.50 2.80
C PHE A 38 -4.82 0.60 3.66
N LYS A 39 -5.98 0.31 4.26
CA LYS A 39 -6.65 1.29 5.12
C LYS A 39 -5.78 1.63 6.32
N LYS A 40 -4.91 0.69 6.70
CA LYS A 40 -4.02 0.91 7.84
C LYS A 40 -2.70 1.53 7.38
N CYS A 41 -2.46 1.50 6.07
CA CYS A 41 -1.23 2.06 5.52
C CYS A 41 -1.46 3.47 5.01
N GLN A 42 -2.73 3.79 4.70
CA GLN A 42 -3.07 5.11 4.21
C GLN A 42 -3.09 6.12 5.36
N ASP A 43 -3.43 5.64 6.55
CA ASP A 43 -3.48 6.50 7.73
C ASP A 43 -2.10 7.10 7.99
N LEU A 44 -1.05 6.28 7.83
CA LEU A 44 0.31 6.74 8.06
C LEU A 44 0.67 7.84 7.05
N LEU A 45 0.47 7.56 5.77
CA LEU A 45 0.77 8.52 4.74
C LEU A 45 -0.08 9.77 4.90
N HIS A 46 -1.38 9.58 5.04
CA HIS A 46 -2.29 10.70 5.21
C HIS A 46 -2.22 11.63 4.01
N ALA A 1 -12.69 -5.42 -6.19
CA ALA A 1 -12.00 -6.74 -6.28
C ALA A 1 -10.55 -6.54 -6.68
N ASP A 2 -10.33 -6.15 -7.93
CA ASP A 2 -8.98 -5.93 -8.43
C ASP A 2 -8.57 -4.48 -8.21
N ASN A 3 -8.03 -4.19 -7.03
CA ASN A 3 -7.60 -2.84 -6.70
C ASN A 3 -6.24 -2.88 -6.00
N LYS A 4 -5.17 -2.77 -6.79
CA LYS A 4 -3.82 -2.79 -6.24
C LYS A 4 -3.04 -1.56 -6.70
N CYS A 5 -1.73 -1.70 -6.80
CA CYS A 5 -0.86 -0.60 -7.22
C CYS A 5 -1.13 -0.26 -8.69
N GLU A 6 -2.07 -0.97 -9.30
CA GLU A 6 -2.41 -0.74 -10.70
C GLU A 6 -3.56 0.25 -10.81
N ASN A 7 -3.99 0.78 -9.68
CA ASN A 7 -5.09 1.74 -9.67
C ASN A 7 -4.59 3.14 -10.03
N SER A 8 -3.95 3.80 -9.07
CA SER A 8 -3.42 5.14 -9.31
C SER A 8 -2.08 5.31 -8.61
N LEU A 9 -1.41 6.43 -8.89
CA LEU A 9 -0.12 6.71 -8.28
C LEU A 9 -0.27 6.99 -6.79
N ARG A 10 -1.34 7.68 -6.43
CA ARG A 10 -1.59 8.02 -5.03
C ARG A 10 -1.61 6.75 -4.18
N ARG A 11 -2.25 5.71 -4.69
CA ARG A 11 -2.34 4.45 -3.97
C ARG A 11 -0.97 3.79 -3.87
N GLU A 12 -0.28 3.69 -5.01
CA GLU A 12 1.03 3.09 -5.05
C GLU A 12 1.96 3.75 -4.03
N ILE A 13 1.90 5.08 -3.96
CA ILE A 13 2.73 5.82 -3.03
C ILE A 13 2.30 5.53 -1.60
N ALA A 14 1.00 5.56 -1.37
CA ALA A 14 0.46 5.30 -0.05
C ALA A 14 1.05 4.01 0.53
N CYS A 15 0.55 2.89 0.04
CA CYS A 15 1.03 1.58 0.49
C CYS A 15 2.55 1.53 0.47
N GLY A 16 3.14 2.22 -0.51
CA GLY A 16 4.59 2.25 -0.62
C GLY A 16 5.22 2.86 0.63
N GLN A 17 5.25 4.19 0.67
CA GLN A 17 5.83 4.90 1.81
C GLN A 17 5.48 4.20 3.11
N CYS A 18 4.27 3.65 3.18
CA CYS A 18 3.82 2.95 4.38
C CYS A 18 4.76 1.80 4.73
N ARG A 19 5.07 0.96 3.74
CA ARG A 19 5.95 -0.17 3.97
C ARG A 19 7.32 0.06 3.35
N ASP A 20 7.53 1.28 2.85
CA ASP A 20 8.80 1.62 2.23
C ASP A 20 9.63 2.47 3.19
N LYS A 21 9.00 2.94 4.26
CA LYS A 21 9.71 3.76 5.25
C LYS A 21 9.94 2.99 6.53
N VAL A 22 9.41 1.77 6.58
CA VAL A 22 9.56 0.92 7.75
C VAL A 22 10.00 -0.49 7.35
N LYS A 23 9.15 -1.15 6.57
CA LYS A 23 9.47 -2.51 6.11
C LYS A 23 10.20 -2.47 4.77
N THR A 24 9.93 -3.45 3.93
CA THR A 24 10.57 -3.53 2.62
C THR A 24 9.53 -3.65 1.51
N ASP A 25 10.01 -3.88 0.29
CA ASP A 25 9.11 -4.00 -0.85
C ASP A 25 8.15 -5.18 -0.64
N GLY A 26 8.67 -6.28 -0.14
CA GLY A 26 7.85 -7.47 0.11
C GLY A 26 6.58 -7.10 0.85
N TYR A 27 6.72 -6.32 1.91
CA TYR A 27 5.57 -5.90 2.72
C TYR A 27 4.64 -5.03 1.89
N PHE A 28 5.20 -4.08 1.16
CA PHE A 28 4.40 -3.20 0.32
C PHE A 28 3.55 -4.01 -0.65
N TYR A 29 4.14 -5.06 -1.22
CA TYR A 29 3.42 -5.90 -2.16
C TYR A 29 2.25 -6.59 -1.46
N GLU A 30 2.49 -7.07 -0.25
CA GLU A 30 1.46 -7.76 0.52
C GLU A 30 0.26 -6.85 0.73
N CYS A 31 0.50 -5.58 1.07
CA CYS A 31 -0.57 -4.64 1.30
C CYS A 31 -1.23 -4.25 -0.03
N CYS A 32 -0.42 -4.06 -1.05
CA CYS A 32 -0.95 -3.69 -2.37
C CYS A 32 -2.00 -4.70 -2.82
N THR A 33 -1.77 -5.98 -2.52
CA THR A 33 -2.70 -7.02 -2.90
C THR A 33 -3.86 -7.11 -1.90
N SER A 34 -3.52 -7.04 -0.61
CA SER A 34 -4.53 -7.10 0.43
C SER A 34 -5.27 -5.78 0.54
N ASP A 35 -6.55 -5.85 0.91
CA ASP A 35 -7.36 -4.64 1.05
C ASP A 35 -7.26 -4.10 2.47
N SER A 36 -7.72 -4.88 3.44
CA SER A 36 -7.68 -4.46 4.83
C SER A 36 -6.34 -3.83 5.17
N THR A 37 -5.26 -4.58 4.97
CA THR A 37 -3.92 -4.07 5.26
C THR A 37 -3.72 -2.70 4.61
N PHE A 38 -4.03 -2.62 3.31
CA PHE A 38 -3.87 -1.37 2.59
C PHE A 38 -4.72 -0.27 3.21
N LYS A 39 -5.78 -0.67 3.90
CA LYS A 39 -6.67 0.28 4.54
C LYS A 39 -6.00 0.92 5.75
N LYS A 40 -5.03 0.22 6.32
CA LYS A 40 -4.33 0.74 7.49
C LYS A 40 -3.18 1.64 7.05
N CYS A 41 -2.58 1.33 5.90
CA CYS A 41 -1.47 2.13 5.39
C CYS A 41 -1.96 3.49 4.91
N GLN A 42 -2.93 3.48 4.00
CA GLN A 42 -3.48 4.72 3.48
C GLN A 42 -3.87 5.65 4.61
N ASP A 43 -4.35 5.08 5.71
CA ASP A 43 -4.75 5.86 6.87
C ASP A 43 -3.54 6.54 7.49
N LEU A 44 -2.39 5.88 7.43
CA LEU A 44 -1.17 6.42 7.98
C LEU A 44 -0.70 7.61 7.16
N LEU A 45 -0.64 7.42 5.85
CA LEU A 45 -0.19 8.47 4.96
C LEU A 45 -1.21 9.59 4.88
N HIS A 46 -2.43 9.23 4.50
CA HIS A 46 -3.49 10.22 4.39
C HIS A 46 -4.54 9.99 5.49
N ALA A 1 -10.91 -7.40 -13.32
CA ALA A 1 -10.43 -6.00 -13.12
C ALA A 1 -10.89 -5.51 -11.74
N ASP A 2 -9.96 -5.49 -10.80
CA ASP A 2 -10.26 -5.04 -9.45
C ASP A 2 -9.74 -3.63 -9.21
N ASN A 3 -9.06 -3.45 -8.08
CA ASN A 3 -8.49 -2.14 -7.75
C ASN A 3 -7.47 -2.26 -6.63
N LYS A 4 -6.19 -2.15 -6.99
CA LYS A 4 -5.12 -2.26 -6.00
C LYS A 4 -3.85 -1.58 -6.52
N CYS A 5 -2.78 -2.36 -6.62
CA CYS A 5 -1.51 -1.83 -7.10
C CYS A 5 -1.58 -1.53 -8.59
N GLU A 6 -2.75 -1.79 -9.19
CA GLU A 6 -2.94 -1.54 -10.62
C GLU A 6 -4.10 -0.58 -10.83
N ASN A 7 -4.49 0.12 -9.78
CA ASN A 7 -5.59 1.08 -9.87
C ASN A 7 -5.06 2.45 -10.28
N SER A 8 -4.43 3.14 -9.33
CA SER A 8 -3.88 4.46 -9.59
C SER A 8 -2.48 4.58 -9.01
N LEU A 9 -1.68 5.48 -9.58
CA LEU A 9 -0.31 5.68 -9.11
C LEU A 9 -0.30 6.09 -7.64
N ARG A 10 -1.32 6.87 -7.25
CA ARG A 10 -1.42 7.32 -5.87
C ARG A 10 -1.55 6.13 -4.93
N ARG A 11 -2.49 5.24 -5.22
CA ARG A 11 -2.70 4.06 -4.40
C ARG A 11 -1.40 3.31 -4.19
N GLU A 12 -0.63 3.17 -5.28
CA GLU A 12 0.64 2.46 -5.21
C GLU A 12 1.64 3.20 -4.32
N ILE A 13 1.77 4.49 -4.57
CA ILE A 13 2.69 5.32 -3.80
C ILE A 13 2.33 5.29 -2.32
N ALA A 14 1.02 5.30 -2.04
CA ALA A 14 0.55 5.27 -0.67
C ALA A 14 1.09 4.04 0.06
N CYS A 15 0.60 2.87 -0.32
CA CYS A 15 1.03 1.63 0.30
C CYS A 15 2.56 1.48 0.20
N GLY A 16 3.13 2.08 -0.83
CA GLY A 16 4.58 2.02 -1.03
C GLY A 16 5.32 2.65 0.16
N GLN A 17 5.43 3.98 0.13
CA GLN A 17 6.10 4.69 1.21
C GLN A 17 5.79 4.05 2.56
N CYS A 18 4.51 3.75 2.78
CA CYS A 18 4.10 3.13 4.03
C CYS A 18 5.04 1.99 4.41
N ARG A 19 4.96 0.88 3.70
CA ARG A 19 5.80 -0.26 3.98
C ARG A 19 7.26 0.09 3.76
N ASP A 20 7.51 1.31 3.31
CA ASP A 20 8.88 1.76 3.06
C ASP A 20 9.39 2.61 4.22
N LYS A 21 8.49 2.97 5.13
CA LYS A 21 8.87 3.79 6.27
C LYS A 21 8.73 2.99 7.56
N VAL A 22 8.03 1.86 7.48
CA VAL A 22 7.84 1.00 8.65
C VAL A 22 8.32 -0.41 8.36
N LYS A 23 8.01 -0.90 7.16
CA LYS A 23 8.42 -2.24 6.76
C LYS A 23 9.49 -2.18 5.68
N THR A 24 9.23 -2.84 4.56
CA THR A 24 10.18 -2.86 3.45
C THR A 24 9.44 -2.93 2.11
N ASP A 25 10.18 -2.71 1.03
CA ASP A 25 9.59 -2.75 -0.30
C ASP A 25 8.99 -4.12 -0.59
N GLY A 26 9.29 -5.08 0.29
CA GLY A 26 8.78 -6.44 0.13
C GLY A 26 7.32 -6.52 0.55
N TYR A 27 7.03 -6.11 1.79
CA TYR A 27 5.67 -6.16 2.30
C TYR A 27 4.76 -5.25 1.48
N PHE A 28 5.34 -4.19 0.92
CA PHE A 28 4.57 -3.25 0.12
C PHE A 28 3.62 -4.00 -0.83
N TYR A 29 4.06 -5.17 -1.28
CA TYR A 29 3.25 -5.98 -2.18
C TYR A 29 2.11 -6.63 -1.44
N GLU A 30 2.42 -7.23 -0.29
CA GLU A 30 1.40 -7.90 0.52
C GLU A 30 0.31 -6.92 0.92
N CYS A 31 0.69 -5.66 1.15
CA CYS A 31 -0.27 -4.65 1.54
C CYS A 31 -1.18 -4.28 0.37
N CYS A 32 -0.59 -4.15 -0.82
CA CYS A 32 -1.35 -3.79 -2.00
C CYS A 32 -2.44 -4.83 -2.26
N THR A 33 -2.14 -6.09 -1.92
CA THR A 33 -3.11 -7.17 -2.11
C THR A 33 -4.11 -7.21 -0.96
N SER A 34 -3.60 -7.21 0.27
CA SER A 34 -4.45 -7.24 1.44
C SER A 34 -5.14 -5.88 1.64
N ASP A 35 -6.36 -5.92 2.16
CA ASP A 35 -7.12 -4.70 2.38
C ASP A 35 -6.81 -4.13 3.77
N SER A 36 -7.17 -4.88 4.81
CA SER A 36 -6.94 -4.45 6.18
C SER A 36 -5.56 -3.82 6.31
N THR A 37 -4.55 -4.49 5.77
CA THR A 37 -3.18 -4.00 5.84
C THR A 37 -3.05 -2.67 5.10
N PHE A 38 -3.72 -2.57 3.96
CA PHE A 38 -3.67 -1.34 3.17
C PHE A 38 -4.41 -0.21 3.88
N LYS A 39 -5.44 -0.57 4.63
CA LYS A 39 -6.23 0.42 5.36
C LYS A 39 -5.41 1.03 6.48
N LYS A 40 -4.45 0.27 7.00
CA LYS A 40 -3.61 0.75 8.08
C LYS A 40 -2.47 1.61 7.54
N CYS A 41 -2.14 1.41 6.27
CA CYS A 41 -1.05 2.17 5.64
C CYS A 41 -1.52 3.59 5.33
N GLN A 42 -2.53 3.70 4.47
CA GLN A 42 -3.06 5.00 4.10
C GLN A 42 -3.21 5.89 5.33
N ASP A 43 -3.56 5.28 6.46
CA ASP A 43 -3.73 6.03 7.70
C ASP A 43 -2.44 6.78 8.05
N LEU A 44 -1.30 6.15 7.75
CA LEU A 44 -0.01 6.77 8.02
C LEU A 44 0.25 7.91 7.05
N LEU A 45 0.14 7.61 5.76
CA LEU A 45 0.37 8.62 4.74
C LEU A 45 -0.57 9.80 4.92
N HIS A 46 -1.86 9.50 5.04
CA HIS A 46 -2.86 10.56 5.22
C HIS A 46 -2.82 11.08 6.66
N ALA A 1 -12.95 -6.56 -6.76
CA ALA A 1 -12.46 -7.95 -6.96
C ALA A 1 -10.96 -7.91 -7.26
N ASP A 2 -10.53 -6.89 -7.98
CA ASP A 2 -9.13 -6.74 -8.35
C ASP A 2 -8.69 -5.29 -8.25
N ASN A 3 -7.99 -4.82 -9.27
CA ASN A 3 -7.52 -3.43 -9.30
C ASN A 3 -6.73 -3.13 -8.04
N LYS A 4 -5.39 -3.18 -8.14
CA LYS A 4 -4.52 -2.90 -7.00
C LYS A 4 -3.41 -1.95 -7.40
N CYS A 5 -2.22 -2.50 -7.63
CA CYS A 5 -1.07 -1.69 -8.01
C CYS A 5 -1.20 -1.24 -9.47
N GLU A 6 -2.43 -1.21 -9.97
CA GLU A 6 -2.68 -0.80 -11.34
C GLU A 6 -3.76 0.27 -11.40
N ASN A 7 -4.25 0.68 -10.23
CA ASN A 7 -5.29 1.70 -10.16
C ASN A 7 -4.68 3.09 -10.26
N SER A 8 -4.69 3.82 -9.15
CA SER A 8 -4.14 5.16 -9.13
C SER A 8 -2.75 5.17 -8.50
N LEU A 9 -1.81 5.82 -9.16
CA LEU A 9 -0.44 5.88 -8.66
C LEU A 9 -0.42 6.31 -7.19
N ARG A 10 -1.37 7.16 -6.82
CA ARG A 10 -1.45 7.63 -5.44
C ARG A 10 -1.50 6.45 -4.47
N ARG A 11 -2.11 5.36 -4.91
CA ARG A 11 -2.23 4.17 -4.08
C ARG A 11 -0.86 3.52 -3.87
N GLU A 12 -0.23 3.12 -4.97
CA GLU A 12 1.08 2.48 -4.90
C GLU A 12 2.04 3.33 -4.07
N ILE A 13 1.94 4.65 -4.22
CA ILE A 13 2.81 5.55 -3.48
C ILE A 13 2.46 5.54 -2.00
N ALA A 14 1.16 5.62 -1.71
CA ALA A 14 0.70 5.60 -0.33
C ALA A 14 1.26 4.39 0.42
N CYS A 15 0.74 3.21 0.07
CA CYS A 15 1.17 1.97 0.69
C CYS A 15 2.68 1.80 0.53
N GLY A 16 3.23 2.41 -0.52
CA GLY A 16 4.66 2.33 -0.77
C GLY A 16 5.44 2.90 0.40
N GLN A 17 5.56 4.23 0.43
CA GLN A 17 6.29 4.89 1.50
C GLN A 17 5.94 4.28 2.86
N CYS A 18 4.65 3.95 3.02
CA CYS A 18 4.19 3.36 4.26
C CYS A 18 5.05 2.15 4.63
N ARG A 19 5.09 1.15 3.76
CA ARG A 19 5.88 -0.04 4.04
C ARG A 19 7.34 0.20 3.74
N ASP A 20 7.68 1.44 3.39
CA ASP A 20 9.06 1.78 3.09
C ASP A 20 9.70 2.50 4.27
N LYS A 21 8.88 2.90 5.25
CA LYS A 21 9.40 3.60 6.42
C LYS A 21 9.34 2.69 7.64
N VAL A 22 8.81 1.47 7.46
CA VAL A 22 8.70 0.53 8.54
C VAL A 22 9.06 -0.87 8.06
N LYS A 23 8.38 -1.32 7.01
CA LYS A 23 8.63 -2.65 6.46
C LYS A 23 9.61 -2.57 5.29
N THR A 24 9.32 -3.34 4.24
CA THR A 24 10.19 -3.35 3.07
C THR A 24 9.35 -3.35 1.79
N ASP A 25 10.02 -3.50 0.65
CA ASP A 25 9.33 -3.50 -0.64
C ASP A 25 8.38 -4.69 -0.72
N GLY A 26 8.85 -5.86 -0.28
CA GLY A 26 8.04 -7.07 -0.31
C GLY A 26 6.70 -6.84 0.41
N TYR A 27 6.75 -6.08 1.50
CA TYR A 27 5.56 -5.81 2.28
C TYR A 27 4.63 -4.86 1.51
N PHE A 28 5.22 -3.84 0.89
CA PHE A 28 4.45 -2.87 0.13
C PHE A 28 3.51 -3.58 -0.84
N TYR A 29 4.05 -4.56 -1.58
CA TYR A 29 3.25 -5.30 -2.54
C TYR A 29 2.15 -6.08 -1.82
N GLU A 30 2.54 -6.82 -0.78
CA GLU A 30 1.57 -7.60 -0.01
C GLU A 30 0.32 -6.78 0.26
N CYS A 31 0.51 -5.49 0.56
CA CYS A 31 -0.63 -4.63 0.82
C CYS A 31 -1.41 -4.36 -0.45
N CYS A 32 -0.72 -3.92 -1.50
CA CYS A 32 -1.37 -3.63 -2.77
C CYS A 32 -2.42 -4.69 -3.07
N THR A 33 -2.16 -5.92 -2.64
CA THR A 33 -3.09 -7.02 -2.89
C THR A 33 -4.13 -7.08 -1.77
N SER A 34 -3.68 -6.97 -0.53
CA SER A 34 -4.58 -7.03 0.62
C SER A 34 -5.18 -5.65 0.89
N ASP A 35 -6.48 -5.62 1.14
CA ASP A 35 -7.15 -4.36 1.42
C ASP A 35 -7.12 -4.04 2.91
N SER A 36 -7.38 -5.05 3.73
CA SER A 36 -7.38 -4.87 5.18
C SER A 36 -6.01 -4.38 5.66
N THR A 37 -5.06 -4.29 4.74
CA THR A 37 -3.72 -3.84 5.08
C THR A 37 -3.51 -2.41 4.59
N PHE A 38 -4.04 -2.10 3.41
CA PHE A 38 -3.90 -0.75 2.85
C PHE A 38 -4.73 0.24 3.65
N LYS A 39 -5.60 -0.27 4.50
CA LYS A 39 -6.45 0.59 5.31
C LYS A 39 -5.68 1.11 6.54
N LYS A 40 -4.64 0.37 6.92
CA LYS A 40 -3.84 0.76 8.08
C LYS A 40 -2.69 1.67 7.65
N CYS A 41 -2.29 1.55 6.39
CA CYS A 41 -1.20 2.36 5.86
C CYS A 41 -1.69 3.77 5.55
N GLN A 42 -2.66 3.87 4.65
CA GLN A 42 -3.22 5.16 4.27
C GLN A 42 -3.53 5.99 5.51
N ASP A 43 -3.86 5.31 6.61
CA ASP A 43 -4.18 5.99 7.85
C ASP A 43 -2.98 6.78 8.36
N LEU A 44 -1.79 6.26 8.09
CA LEU A 44 -0.56 6.93 8.51
C LEU A 44 -0.20 8.03 7.51
N LEU A 45 -0.15 7.68 6.23
CA LEU A 45 0.19 8.65 5.21
C LEU A 45 -0.71 9.87 5.30
N HIS A 46 -2.02 9.63 5.40
CA HIS A 46 -2.98 10.71 5.49
C HIS A 46 -3.64 10.72 6.86
N ALA A 1 -10.95 -7.30 -10.62
CA ALA A 1 -10.22 -8.30 -9.79
C ALA A 1 -8.73 -7.91 -9.73
N ASP A 2 -8.25 -7.28 -10.79
CA ASP A 2 -6.86 -6.86 -10.86
C ASP A 2 -6.73 -5.35 -10.63
N ASN A 3 -7.26 -4.88 -9.50
CA ASN A 3 -7.22 -3.46 -9.16
C ASN A 3 -6.53 -3.25 -7.82
N LYS A 4 -5.20 -3.16 -7.86
CA LYS A 4 -4.43 -2.95 -6.64
C LYS A 4 -3.44 -1.80 -6.82
N CYS A 5 -2.15 -2.11 -6.88
CA CYS A 5 -1.13 -1.10 -7.05
C CYS A 5 -1.13 -0.56 -8.48
N GLU A 6 -2.10 -1.01 -9.28
CA GLU A 6 -2.21 -0.59 -10.66
C GLU A 6 -3.50 0.22 -10.87
N ASN A 7 -4.21 0.49 -9.77
CA ASN A 7 -5.44 1.25 -9.85
C ASN A 7 -5.14 2.74 -9.94
N SER A 8 -4.63 3.31 -8.84
CA SER A 8 -4.30 4.73 -8.80
C SER A 8 -2.93 4.94 -8.18
N LEU A 9 -2.20 5.94 -8.67
CA LEU A 9 -0.88 6.24 -8.15
C LEU A 9 -0.93 6.47 -6.64
N ARG A 10 -2.06 7.01 -6.17
CA ARG A 10 -2.23 7.28 -4.76
C ARG A 10 -2.15 5.99 -3.95
N ARG A 11 -2.84 4.96 -4.41
CA ARG A 11 -2.85 3.67 -3.72
C ARG A 11 -1.44 3.10 -3.66
N GLU A 12 -0.72 3.18 -4.77
CA GLU A 12 0.65 2.66 -4.83
C GLU A 12 1.56 3.45 -3.91
N ILE A 13 1.46 4.77 -3.97
CA ILE A 13 2.29 5.63 -3.13
C ILE A 13 2.02 5.34 -1.67
N ALA A 14 0.75 5.15 -1.34
CA ALA A 14 0.35 4.88 0.03
C ALA A 14 1.13 3.69 0.58
N CYS A 15 0.86 2.53 0.02
CA CYS A 15 1.53 1.31 0.46
C CYS A 15 3.03 1.45 0.31
N GLY A 16 3.44 2.15 -0.75
CA GLY A 16 4.86 2.35 -1.00
C GLY A 16 5.55 2.92 0.24
N GLN A 17 5.44 4.22 0.43
CA GLN A 17 6.06 4.88 1.57
C GLN A 17 5.88 4.02 2.83
N CYS A 18 4.65 3.56 3.06
CA CYS A 18 4.36 2.76 4.22
C CYS A 18 5.38 1.64 4.41
N ARG A 19 5.18 0.53 3.73
CA ARG A 19 6.07 -0.63 3.84
C ARG A 19 7.48 -0.27 3.43
N ASP A 20 7.68 0.98 3.01
CA ASP A 20 9.00 1.42 2.59
C ASP A 20 9.71 2.14 3.73
N LYS A 21 8.96 2.47 4.79
CA LYS A 21 9.53 3.15 5.94
C LYS A 21 9.65 2.20 7.12
N VAL A 22 8.69 1.27 7.22
CA VAL A 22 8.70 0.31 8.30
C VAL A 22 9.22 -1.04 7.82
N LYS A 23 8.41 -1.72 7.01
CA LYS A 23 8.79 -3.03 6.49
C LYS A 23 9.74 -2.87 5.30
N THR A 24 9.65 -3.81 4.36
CA THR A 24 10.50 -3.78 3.17
C THR A 24 9.67 -3.46 1.92
N ASP A 25 10.36 -3.24 0.80
CA ASP A 25 9.68 -2.94 -0.45
C ASP A 25 9.01 -4.18 -1.01
N GLY A 26 9.02 -5.26 -0.24
CA GLY A 26 8.41 -6.51 -0.67
C GLY A 26 7.04 -6.69 -0.04
N TYR A 27 6.76 -5.92 1.01
CA TYR A 27 5.47 -6.00 1.68
C TYR A 27 4.47 -5.03 1.07
N PHE A 28 4.99 -4.07 0.31
CA PHE A 28 4.14 -3.08 -0.34
C PHE A 28 3.02 -3.76 -1.13
N TYR A 29 3.34 -4.88 -1.78
CA TYR A 29 2.36 -5.61 -2.57
C TYR A 29 1.37 -6.34 -1.65
N GLU A 30 1.86 -6.80 -0.51
CA GLU A 30 1.01 -7.51 0.44
C GLU A 30 -0.17 -6.65 0.87
N CYS A 31 0.10 -5.40 1.21
CA CYS A 31 -0.96 -4.50 1.63
C CYS A 31 -1.79 -4.06 0.43
N CYS A 32 -1.12 -3.72 -0.66
CA CYS A 32 -1.82 -3.30 -1.87
C CYS A 32 -2.99 -4.23 -2.16
N THR A 33 -2.80 -5.52 -1.89
CA THR A 33 -3.84 -6.51 -2.13
C THR A 33 -4.83 -6.52 -0.97
N SER A 34 -4.31 -6.59 0.25
CA SER A 34 -5.18 -6.61 1.43
C SER A 34 -5.80 -5.24 1.66
N ASP A 35 -7.04 -5.22 2.17
CA ASP A 35 -7.73 -3.97 2.41
C ASP A 35 -7.35 -3.42 3.79
N SER A 36 -7.62 -4.19 4.83
CA SER A 36 -7.31 -3.78 6.19
C SER A 36 -5.92 -3.14 6.25
N THR A 37 -4.90 -3.94 5.99
CA THR A 37 -3.53 -3.46 6.03
C THR A 37 -3.42 -2.14 5.27
N PHE A 38 -3.97 -2.11 4.06
CA PHE A 38 -3.92 -0.90 3.24
C PHE A 38 -4.66 0.24 3.92
N LYS A 39 -5.72 -0.11 4.65
CA LYS A 39 -6.51 0.91 5.34
C LYS A 39 -5.68 1.61 6.41
N LYS A 40 -4.75 0.86 7.02
CA LYS A 40 -3.90 1.43 8.05
C LYS A 40 -2.78 2.26 7.42
N CYS A 41 -2.34 1.85 6.24
CA CYS A 41 -1.27 2.57 5.55
C CYS A 41 -1.75 3.94 5.09
N GLN A 42 -2.71 3.95 4.17
CA GLN A 42 -3.25 5.19 3.65
C GLN A 42 -3.50 6.18 4.78
N ASP A 43 -3.88 5.65 5.95
CA ASP A 43 -4.15 6.50 7.11
C ASP A 43 -2.85 7.13 7.60
N LEU A 44 -1.75 6.40 7.47
CA LEU A 44 -0.46 6.91 7.91
C LEU A 44 0.04 7.97 6.95
N LEU A 45 0.01 7.66 5.66
CA LEU A 45 0.48 8.61 4.65
C LEU A 45 -0.42 9.84 4.63
N HIS A 46 -1.72 9.62 4.51
CA HIS A 46 -2.67 10.73 4.49
C HIS A 46 -3.82 10.49 5.45
#